data_1Z0H
#
_entry.id   1Z0H
#
_cell.length_a   68.664
_cell.length_b   78.806
_cell.length_c   87.722
_cell.angle_alpha   90.00
_cell.angle_beta   103.03
_cell.angle_gamma   90.00
#
_symmetry.space_group_name_H-M   'P 1 21 1'
#
loop_
_entity.id
_entity.type
_entity.pdbx_description
1 polymer 'Botulinum neurotoxin type B'
2 water water
#
_entity_poly.entity_id   1
_entity_poly.type   'polypeptide(L)'
_entity_poly.pdbx_seq_one_letter_code
;NKYNSEILNNIILNLRYKDNNLIDLSGYGAKVEVYDGVELNDKNQFKLTSSANSKIRVTQNQNIIFNSVFLDFSVSFWIR
IPKYKNDGIQNYIHNEYTIINCMKNNSGWKISIRGNRIIWTLIDINGKTKSVFFEYNIREDISEYINRWFFVTITNNLNN
AKIYINGKLESNTDIKDIREVIANGEIIFKLDGDIDRTQFIWMKYFSIFNTELSQSNIEERYKIQSYSEYLKDFWGNPLM
YNKEYYMFNAGNKNSYIKLKKDSPVGEILTRSKYNQNSKYINYRDLYIGEKFIIRRKSNSQSINDDIVRKEDYIYLDFFN
LNQEWRVYTYKYFKKEEEKLFLAPISDSDEFYNTIQIKEYDEQPTYSCQLLFKKDEESTDEIGLIGIHRFYESGIVFEEY
KDYFCISKWYLKEVKRKPYNLKLGCNWQFIPKDEGWTE
;
_entity_poly.pdbx_strand_id   A,B
#
# COMPACT_ATOMS: atom_id res chain seq x y z
N ASN A 1 10.54 -15.26 -7.91
CA ASN A 1 10.01 -16.61 -7.59
C ASN A 1 11.07 -17.64 -7.88
N LYS A 2 12.13 -17.20 -8.56
CA LYS A 2 13.22 -18.09 -8.94
C LYS A 2 12.53 -19.22 -9.72
N TYR A 3 11.44 -18.85 -10.39
CA TYR A 3 10.62 -19.73 -11.23
C TYR A 3 10.90 -19.26 -12.66
N ASN A 4 11.73 -18.23 -12.77
CA ASN A 4 12.12 -17.70 -14.06
C ASN A 4 13.34 -18.46 -14.55
N SER A 5 13.64 -19.58 -13.90
CA SER A 5 14.77 -20.42 -14.26
C SER A 5 14.37 -21.38 -15.38
N GLU A 6 13.09 -21.39 -15.72
CA GLU A 6 12.57 -22.27 -16.77
C GLU A 6 13.35 -22.19 -18.07
N ILE A 7 13.61 -20.98 -18.57
CA ILE A 7 14.34 -20.83 -19.83
C ILE A 7 15.82 -21.22 -19.71
N LEU A 8 16.24 -21.67 -18.54
CA LEU A 8 17.63 -22.10 -18.37
C LEU A 8 17.67 -23.63 -18.44
N ASN A 9 16.52 -24.27 -18.35
CA ASN A 9 16.49 -25.73 -18.42
C ASN A 9 17.16 -26.23 -19.71
N ASN A 10 17.93 -27.30 -19.56
CA ASN A 10 18.65 -27.95 -20.66
C ASN A 10 19.72 -27.08 -21.33
N ILE A 11 20.11 -25.98 -20.71
CA ILE A 11 21.13 -25.11 -21.29
C ILE A 11 22.51 -25.73 -21.01
N ILE A 12 23.38 -25.76 -22.03
CA ILE A 12 24.70 -26.34 -21.86
C ILE A 12 25.83 -25.37 -22.22
N LEU A 13 25.43 -24.22 -22.73
CA LEU A 13 26.33 -23.12 -23.07
C LEU A 13 25.50 -21.83 -23.04
N ASN A 14 25.92 -20.89 -22.21
CA ASN A 14 25.22 -19.61 -22.05
C ASN A 14 26.28 -18.49 -22.06
N LEU A 15 26.56 -17.91 -23.24
CA LEU A 15 27.56 -16.85 -23.33
C LEU A 15 27.00 -15.54 -22.82
N ARG A 16 27.63 -15.00 -21.79
CA ARG A 16 27.20 -13.77 -21.15
C ARG A 16 28.33 -12.80 -20.88
N TYR A 17 28.00 -11.51 -20.89
CA TYR A 17 29.00 -10.48 -20.63
C TYR A 17 29.36 -10.42 -19.14
N LYS A 18 30.64 -10.24 -18.85
CA LYS A 18 31.09 -10.12 -17.48
C LYS A 18 32.51 -9.58 -17.49
N ASP A 19 32.69 -8.45 -16.82
CA ASP A 19 33.99 -7.80 -16.71
C ASP A 19 34.72 -7.71 -18.05
N ASN A 20 34.20 -6.87 -18.94
CA ASN A 20 34.78 -6.65 -20.28
C ASN A 20 35.23 -7.94 -20.96
N ASN A 21 34.38 -8.96 -20.88
CA ASN A 21 34.70 -10.24 -21.48
C ASN A 21 33.40 -11.01 -21.63
N LEU A 22 33.49 -12.21 -22.20
CA LEU A 22 32.36 -13.08 -22.37
C LEU A 22 32.72 -14.38 -21.70
N ILE A 23 31.79 -14.95 -20.94
CA ILE A 23 32.04 -16.21 -20.25
C ILE A 23 30.81 -17.10 -20.30
N ASP A 24 31.04 -18.40 -20.17
CA ASP A 24 29.95 -19.34 -20.20
C ASP A 24 29.39 -19.51 -18.79
N LEU A 25 28.14 -19.10 -18.60
CA LEU A 25 27.50 -19.21 -17.29
C LEU A 25 26.55 -20.38 -17.20
N SER A 26 26.71 -21.35 -18.09
CA SER A 26 25.82 -22.51 -18.09
C SER A 26 26.07 -23.40 -16.88
N GLY A 27 27.27 -23.30 -16.33
CA GLY A 27 27.62 -24.12 -15.18
C GLY A 27 28.55 -25.26 -15.60
N TYR A 28 28.74 -25.43 -16.91
CA TYR A 28 29.62 -26.47 -17.41
C TYR A 28 31.01 -25.94 -17.70
N GLY A 29 31.19 -24.64 -17.48
CA GLY A 29 32.49 -24.03 -17.65
C GLY A 29 33.29 -24.22 -18.92
N ALA A 30 32.71 -23.83 -20.06
CA ALA A 30 33.42 -23.94 -21.32
C ALA A 30 34.49 -22.84 -21.34
N LYS A 31 35.58 -23.10 -22.03
CA LYS A 31 36.67 -22.14 -22.15
C LYS A 31 36.32 -21.17 -23.25
N VAL A 32 36.32 -19.87 -22.93
CA VAL A 32 35.96 -18.85 -23.90
C VAL A 32 37.09 -17.85 -24.15
N GLU A 33 37.50 -17.71 -25.40
CA GLU A 33 38.56 -16.77 -25.75
C GLU A 33 38.03 -15.70 -26.71
N VAL A 34 37.97 -14.46 -26.23
CA VAL A 34 37.50 -13.36 -27.07
C VAL A 34 38.71 -12.56 -27.53
N TYR A 35 38.88 -12.42 -28.83
CA TYR A 35 40.02 -11.69 -29.34
C TYR A 35 39.74 -10.19 -29.45
N ASP A 36 40.80 -9.39 -29.52
CA ASP A 36 40.70 -7.93 -29.55
C ASP A 36 39.84 -7.28 -30.62
N GLY A 37 39.55 -7.99 -31.71
CA GLY A 37 38.72 -7.42 -32.75
C GLY A 37 37.22 -7.45 -32.46
N VAL A 38 36.83 -8.18 -31.41
CA VAL A 38 35.42 -8.27 -31.05
C VAL A 38 35.04 -7.13 -30.12
N GLU A 39 34.09 -6.31 -30.54
CA GLU A 39 33.63 -5.21 -29.71
C GLU A 39 32.59 -5.76 -28.75
N LEU A 40 32.71 -5.45 -27.47
CA LEU A 40 31.80 -5.91 -26.44
C LEU A 40 31.28 -4.75 -25.56
N ASN A 41 29.99 -4.78 -25.23
CA ASN A 41 29.44 -3.76 -24.35
C ASN A 41 28.60 -4.43 -23.27
N ASP A 42 28.28 -3.66 -22.24
CA ASP A 42 27.50 -4.14 -21.10
C ASP A 42 26.14 -4.73 -21.44
N LYS A 43 25.52 -4.22 -22.49
CA LYS A 43 24.20 -4.69 -22.90
C LYS A 43 24.21 -6.09 -23.53
N ASN A 44 25.32 -6.81 -23.39
CA ASN A 44 25.46 -8.16 -23.94
C ASN A 44 25.58 -8.26 -25.46
N GLN A 45 25.77 -7.11 -26.11
CA GLN A 45 25.89 -7.10 -27.56
C GLN A 45 27.36 -7.19 -27.99
N PHE A 46 27.68 -8.08 -28.93
CA PHE A 46 29.04 -8.18 -29.43
C PHE A 46 29.01 -8.09 -30.94
N LYS A 47 30.05 -7.49 -31.51
CA LYS A 47 30.14 -7.27 -32.94
C LYS A 47 31.34 -7.95 -33.59
N LEU A 48 31.06 -8.69 -34.66
CA LEU A 48 32.10 -9.38 -35.41
C LEU A 48 32.36 -8.52 -36.65
N THR A 49 33.63 -8.25 -36.94
CA THR A 49 33.98 -7.42 -38.10
C THR A 49 34.84 -8.18 -39.10
N SER A 50 35.31 -7.49 -40.14
CA SER A 50 36.14 -8.14 -41.16
C SER A 50 37.56 -8.41 -40.67
N SER A 51 37.92 -7.84 -39.52
CA SER A 51 39.26 -8.04 -38.97
C SER A 51 39.58 -9.48 -38.57
N ALA A 52 40.79 -9.91 -38.91
CA ALA A 52 41.27 -11.25 -38.62
C ALA A 52 41.22 -11.57 -37.12
N ASN A 53 41.43 -10.57 -36.28
CA ASN A 53 41.41 -10.75 -34.84
C ASN A 53 40.02 -10.53 -34.24
N SER A 54 39.00 -10.49 -35.10
CA SER A 54 37.62 -10.32 -34.63
C SER A 54 37.01 -11.71 -34.62
N LYS A 55 37.22 -12.45 -33.54
CA LYS A 55 36.68 -13.78 -33.45
C LYS A 55 36.57 -14.21 -32.00
N ILE A 56 35.80 -15.27 -31.78
CA ILE A 56 35.61 -15.82 -30.43
C ILE A 56 35.78 -17.31 -30.57
N ARG A 57 36.60 -17.89 -29.71
CA ARG A 57 36.81 -19.31 -29.74
C ARG A 57 36.32 -19.90 -28.43
N VAL A 58 35.45 -20.90 -28.55
CA VAL A 58 34.89 -21.57 -27.39
C VAL A 58 35.32 -23.02 -27.49
N THR A 59 35.93 -23.54 -26.43
CA THR A 59 36.38 -24.93 -26.41
C THR A 59 35.50 -25.71 -25.43
N GLN A 60 35.06 -26.88 -25.85
CA GLN A 60 34.17 -27.73 -25.07
C GLN A 60 34.88 -29.00 -24.60
N ASN A 61 34.20 -29.81 -23.79
CA ASN A 61 34.78 -31.05 -23.26
C ASN A 61 35.34 -32.00 -24.32
N GLN A 62 36.56 -32.49 -24.09
CA GLN A 62 37.19 -33.41 -25.02
C GLN A 62 36.61 -34.80 -24.83
N ASN A 63 36.52 -35.54 -25.93
CA ASN A 63 35.99 -36.90 -25.93
C ASN A 63 37.16 -37.83 -26.21
N ILE A 64 37.55 -38.62 -25.21
CA ILE A 64 38.68 -39.52 -25.36
C ILE A 64 38.46 -40.86 -26.06
N ILE A 65 37.64 -41.72 -25.45
CA ILE A 65 37.37 -43.05 -26.00
C ILE A 65 36.29 -43.10 -27.07
N PHE A 66 35.20 -42.37 -26.85
CA PHE A 66 34.10 -42.36 -27.80
C PHE A 66 33.96 -40.99 -28.47
N ASN A 67 32.94 -40.86 -29.30
CA ASN A 67 32.69 -39.59 -29.97
C ASN A 67 31.52 -38.95 -29.23
N SER A 68 31.57 -37.64 -29.07
CA SER A 68 30.51 -36.90 -28.39
C SER A 68 29.56 -36.40 -29.46
N VAL A 69 28.30 -36.78 -29.36
CA VAL A 69 27.31 -36.40 -30.35
C VAL A 69 26.04 -35.86 -29.69
N PHE A 70 25.21 -35.23 -30.51
CA PHE A 70 23.94 -34.68 -30.06
C PHE A 70 22.83 -35.51 -30.67
N LEU A 71 21.73 -35.63 -29.93
CA LEU A 71 20.55 -36.31 -30.42
C LEU A 71 19.63 -35.15 -30.75
N ASP A 72 19.18 -34.45 -29.71
CA ASP A 72 18.33 -33.29 -29.87
C ASP A 72 19.12 -32.12 -29.29
N PHE A 73 19.16 -31.00 -30.01
CA PHE A 73 19.85 -29.84 -29.51
C PHE A 73 19.29 -28.58 -30.16
N SER A 74 19.47 -27.45 -29.50
CA SER A 74 18.96 -26.17 -29.98
C SER A 74 19.98 -25.04 -29.82
N VAL A 75 19.86 -24.02 -30.67
CA VAL A 75 20.75 -22.89 -30.64
C VAL A 75 19.91 -21.61 -30.63
N SER A 76 20.16 -20.74 -29.67
CA SER A 76 19.40 -19.50 -29.53
C SER A 76 20.31 -18.27 -29.57
N PHE A 77 19.80 -17.17 -30.10
CA PHE A 77 20.56 -15.93 -30.18
C PHE A 77 19.77 -14.84 -30.88
N TRP A 78 20.18 -13.60 -30.63
CA TRP A 78 19.55 -12.46 -31.29
C TRP A 78 20.64 -12.03 -32.28
N ILE A 79 20.27 -11.41 -33.39
CA ILE A 79 21.24 -10.97 -34.39
C ILE A 79 20.78 -9.68 -35.07
N ARG A 80 21.71 -8.92 -35.64
CA ARG A 80 21.34 -7.71 -36.37
C ARG A 80 22.28 -7.69 -37.55
N ILE A 81 21.71 -7.88 -38.74
CA ILE A 81 22.44 -7.94 -40.00
C ILE A 81 22.28 -6.62 -40.75
N PRO A 82 23.40 -5.93 -41.03
CA PRO A 82 23.25 -4.66 -41.73
C PRO A 82 22.69 -4.79 -43.13
N LYS A 83 22.07 -3.70 -43.58
CA LYS A 83 21.49 -3.62 -44.91
C LYS A 83 22.61 -3.71 -45.93
N TYR A 84 22.27 -4.22 -47.12
CA TYR A 84 23.21 -4.32 -48.22
C TYR A 84 23.59 -2.92 -48.69
N LYS A 85 24.73 -2.83 -49.38
CA LYS A 85 25.18 -1.57 -49.94
C LYS A 85 24.54 -1.53 -51.32
N ASN A 86 23.92 -0.41 -51.67
CA ASN A 86 23.27 -0.29 -52.97
C ASN A 86 24.26 -0.52 -54.10
N ASP A 87 25.50 -0.11 -53.90
CA ASP A 87 26.56 -0.26 -54.89
C ASP A 87 27.31 -1.60 -54.79
N GLY A 88 26.88 -2.46 -53.87
CA GLY A 88 27.57 -3.74 -53.72
C GLY A 88 26.59 -4.89 -53.70
N ILE A 89 25.52 -4.76 -54.48
CA ILE A 89 24.48 -5.76 -54.55
C ILE A 89 24.94 -7.16 -54.93
N GLN A 90 25.73 -7.25 -55.99
CA GLN A 90 26.19 -8.54 -56.48
C GLN A 90 26.92 -9.35 -55.41
N ASN A 91 27.90 -8.71 -54.77
CA ASN A 91 28.67 -9.37 -53.72
C ASN A 91 27.75 -9.81 -52.56
N TYR A 92 26.76 -8.98 -52.24
CA TYR A 92 25.83 -9.29 -51.15
C TYR A 92 25.02 -10.56 -51.45
N ILE A 93 24.42 -10.60 -52.63
CA ILE A 93 23.62 -11.78 -53.00
C ILE A 93 24.41 -13.07 -53.22
N HIS A 94 25.61 -12.96 -53.79
CA HIS A 94 26.39 -14.16 -54.09
C HIS A 94 27.43 -14.71 -53.13
N ASN A 95 28.07 -13.86 -52.34
CA ASN A 95 29.11 -14.36 -51.46
C ASN A 95 28.60 -14.80 -50.08
N GLU A 96 28.62 -16.11 -49.85
CA GLU A 96 28.18 -16.67 -48.58
C GLU A 96 29.37 -16.64 -47.62
N TYR A 97 29.12 -16.31 -46.36
CA TYR A 97 30.17 -16.27 -45.37
C TYR A 97 29.70 -16.92 -44.07
N THR A 98 30.59 -17.68 -43.45
CA THR A 98 30.27 -18.33 -42.20
C THR A 98 30.35 -17.32 -41.07
N ILE A 99 29.45 -17.40 -40.09
CA ILE A 99 29.58 -16.48 -38.96
C ILE A 99 29.95 -17.30 -37.72
N ILE A 100 29.42 -18.51 -37.61
CA ILE A 100 29.72 -19.39 -36.48
C ILE A 100 29.89 -20.83 -36.98
N ASN A 101 31.00 -21.46 -36.62
CA ASN A 101 31.29 -22.82 -37.08
C ASN A 101 31.70 -23.73 -35.93
N CYS A 102 31.07 -24.90 -35.85
CA CYS A 102 31.37 -25.87 -34.80
C CYS A 102 31.52 -27.27 -35.40
N MET A 103 32.75 -27.67 -35.67
CA MET A 103 33.00 -28.97 -36.27
C MET A 103 34.27 -29.63 -35.75
N LYS A 104 34.26 -30.95 -35.76
CA LYS A 104 35.38 -31.76 -35.32
C LYS A 104 35.36 -32.97 -36.25
N ASN A 105 36.49 -33.26 -36.88
CA ASN A 105 36.58 -34.37 -37.81
C ASN A 105 35.58 -34.19 -38.95
N ASN A 106 35.43 -32.94 -39.37
CA ASN A 106 34.54 -32.54 -40.45
C ASN A 106 33.07 -32.88 -40.28
N SER A 107 32.63 -32.85 -39.04
CA SER A 107 31.23 -33.11 -38.73
C SER A 107 30.83 -32.05 -37.70
N GLY A 108 29.56 -31.63 -37.74
CA GLY A 108 29.12 -30.62 -36.80
C GLY A 108 28.07 -29.72 -37.43
N TRP A 109 28.04 -28.46 -37.00
CA TRP A 109 27.07 -27.52 -37.55
C TRP A 109 27.70 -26.15 -37.79
N LYS A 110 26.98 -25.29 -38.49
CA LYS A 110 27.46 -23.95 -38.74
C LYS A 110 26.30 -23.05 -39.14
N ILE A 111 26.50 -21.76 -38.95
CA ILE A 111 25.52 -20.77 -39.29
C ILE A 111 26.23 -19.84 -40.27
N SER A 112 25.64 -19.65 -41.44
CA SER A 112 26.23 -18.78 -42.43
C SER A 112 25.17 -17.84 -42.97
N ILE A 113 25.63 -16.81 -43.65
CA ILE A 113 24.77 -15.79 -44.22
C ILE A 113 25.15 -15.54 -45.69
N ARG A 114 24.15 -15.45 -46.55
CA ARG A 114 24.39 -15.14 -47.94
C ARG A 114 23.37 -14.05 -48.20
N GLY A 115 23.82 -12.81 -48.19
CA GLY A 115 22.91 -11.70 -48.40
C GLY A 115 21.83 -11.63 -47.35
N ASN A 116 20.59 -11.78 -47.79
CA ASN A 116 19.41 -11.71 -46.93
C ASN A 116 18.95 -13.08 -46.43
N ARG A 117 19.83 -14.08 -46.49
CA ARG A 117 19.48 -15.42 -46.03
C ARG A 117 20.39 -15.89 -44.91
N ILE A 118 19.78 -16.36 -43.82
CA ILE A 118 20.58 -16.90 -42.70
C ILE A 118 20.44 -18.40 -42.85
N ILE A 119 21.55 -19.11 -42.81
CA ILE A 119 21.55 -20.56 -43.03
C ILE A 119 22.11 -21.40 -41.88
N TRP A 120 21.40 -22.47 -41.56
CA TRP A 120 21.79 -23.44 -40.53
C TRP A 120 22.20 -24.70 -41.30
N THR A 121 23.39 -25.21 -41.06
CA THR A 121 23.85 -26.40 -41.76
C THR A 121 24.34 -27.48 -40.83
N LEU A 122 23.87 -28.72 -41.06
CA LEU A 122 24.28 -29.88 -40.28
C LEU A 122 25.14 -30.77 -41.15
N ILE A 123 26.22 -31.33 -40.59
CA ILE A 123 27.08 -32.23 -41.35
C ILE A 123 27.39 -33.45 -40.48
N ASP A 124 26.92 -34.62 -40.91
CA ASP A 124 27.14 -35.81 -40.12
C ASP A 124 28.51 -36.45 -40.30
N ILE A 125 28.72 -37.54 -39.58
CA ILE A 125 29.99 -38.28 -39.60
C ILE A 125 30.43 -38.74 -40.99
N ASN A 126 29.50 -38.74 -41.94
CA ASN A 126 29.82 -39.17 -43.30
C ASN A 126 30.05 -38.02 -44.27
N GLY A 127 29.84 -36.79 -43.80
CA GLY A 127 30.02 -35.65 -44.68
C GLY A 127 28.71 -35.28 -45.33
N LYS A 128 27.65 -36.03 -45.00
CA LYS A 128 26.33 -35.78 -45.54
C LYS A 128 25.82 -34.44 -45.00
N THR A 129 25.30 -33.61 -45.89
CA THR A 129 24.82 -32.28 -45.53
C THR A 129 23.30 -32.09 -45.60
N LYS A 130 22.81 -31.15 -44.80
CA LYS A 130 21.40 -30.79 -44.75
C LYS A 130 21.36 -29.34 -44.25
N SER A 131 20.54 -28.51 -44.88
CA SER A 131 20.39 -27.10 -44.50
C SER A 131 18.94 -26.63 -44.42
N VAL A 132 18.68 -25.71 -43.49
CA VAL A 132 17.37 -25.09 -43.31
C VAL A 132 17.71 -23.59 -43.24
N PHE A 133 16.91 -22.74 -43.86
CA PHE A 133 17.23 -21.32 -43.85
C PHE A 133 16.04 -20.38 -43.70
N PHE A 134 16.36 -19.14 -43.34
CA PHE A 134 15.37 -18.10 -43.18
C PHE A 134 15.84 -16.95 -44.08
N GLU A 135 14.98 -16.54 -45.00
CA GLU A 135 15.31 -15.44 -45.91
C GLU A 135 14.26 -14.35 -45.76
N TYR A 136 14.71 -13.11 -45.58
CA TYR A 136 13.77 -12.00 -45.45
C TYR A 136 13.84 -11.18 -46.73
N ASN A 137 12.69 -10.68 -47.15
CA ASN A 137 12.54 -9.93 -48.39
C ASN A 137 13.35 -8.64 -48.44
N ILE A 138 13.99 -8.40 -49.58
CA ILE A 138 14.77 -7.18 -49.75
C ILE A 138 14.14 -6.29 -50.82
N ARG A 139 12.84 -6.46 -51.05
CA ARG A 139 12.13 -5.64 -52.03
C ARG A 139 10.90 -5.08 -51.34
N GLU A 140 10.97 -4.99 -50.02
CA GLU A 140 9.86 -4.50 -49.26
C GLU A 140 10.03 -3.07 -48.81
N ASP A 141 8.93 -2.32 -48.77
CA ASP A 141 8.93 -0.93 -48.37
C ASP A 141 9.63 -0.70 -47.05
N ILE A 142 9.14 -1.37 -46.01
CA ILE A 142 9.70 -1.26 -44.66
C ILE A 142 9.91 -2.68 -44.15
N SER A 143 11.17 -3.05 -43.91
CA SER A 143 11.49 -4.40 -43.42
C SER A 143 11.52 -4.49 -41.90
N GLU A 144 10.99 -5.59 -41.36
CA GLU A 144 10.99 -5.78 -39.92
C GLU A 144 12.31 -6.43 -39.51
N TYR A 145 13.11 -6.81 -40.51
CA TYR A 145 14.38 -7.49 -40.25
C TYR A 145 15.70 -6.79 -40.61
N ILE A 146 15.82 -6.23 -41.81
CA ILE A 146 17.06 -5.59 -42.19
C ILE A 146 17.56 -4.59 -41.14
N ASN A 147 18.79 -4.80 -40.70
CA ASN A 147 19.46 -3.95 -39.72
C ASN A 147 18.75 -3.74 -38.39
N ARG A 148 17.80 -4.63 -38.06
CA ARG A 148 17.05 -4.54 -36.81
C ARG A 148 17.27 -5.81 -35.99
N TRP A 149 17.52 -5.66 -34.70
CA TRP A 149 17.70 -6.85 -33.85
C TRP A 149 16.47 -7.76 -33.99
N PHE A 150 16.71 -9.06 -34.18
CA PHE A 150 15.62 -10.02 -34.22
C PHE A 150 16.09 -11.32 -33.59
N PHE A 151 15.15 -12.06 -33.00
CA PHE A 151 15.42 -13.30 -32.29
C PHE A 151 15.43 -14.55 -33.14
N VAL A 152 16.50 -15.34 -33.02
CA VAL A 152 16.62 -16.58 -33.80
C VAL A 152 16.70 -17.81 -32.90
N THR A 153 16.06 -18.89 -33.33
CA THR A 153 16.15 -20.15 -32.59
C THR A 153 16.09 -21.28 -33.59
N ILE A 154 17.08 -22.16 -33.52
CA ILE A 154 17.12 -23.33 -34.39
C ILE A 154 17.06 -24.55 -33.47
N THR A 155 16.06 -25.41 -33.67
CA THR A 155 15.93 -26.63 -32.86
C THR A 155 16.19 -27.84 -33.74
N ASN A 156 16.69 -28.91 -33.14
CA ASN A 156 16.99 -30.13 -33.87
C ASN A 156 16.61 -31.40 -33.11
N ASN A 157 15.98 -32.34 -33.82
CA ASN A 157 15.67 -33.65 -33.25
C ASN A 157 16.10 -34.60 -34.34
N LEU A 158 15.87 -35.90 -34.18
CA LEU A 158 16.34 -36.83 -35.20
C LEU A 158 15.69 -36.71 -36.57
N ASN A 159 14.55 -36.04 -36.66
CA ASN A 159 13.83 -35.92 -37.93
C ASN A 159 13.75 -34.55 -38.60
N ASN A 160 13.69 -33.49 -37.80
CA ASN A 160 13.55 -32.14 -38.33
C ASN A 160 14.43 -31.05 -37.74
N ALA A 161 14.83 -30.13 -38.60
CA ALA A 161 15.63 -28.98 -38.19
C ALA A 161 14.68 -27.81 -38.44
N LYS A 162 14.36 -27.06 -37.40
CA LYS A 162 13.44 -25.94 -37.51
C LYS A 162 14.09 -24.60 -37.17
N ILE A 163 13.72 -23.55 -37.89
CA ILE A 163 14.22 -22.21 -37.61
C ILE A 163 13.02 -21.40 -37.14
N TYR A 164 13.13 -20.79 -35.97
CA TYR A 164 12.08 -19.96 -35.43
C TYR A 164 12.59 -18.52 -35.43
N ILE A 165 11.75 -17.58 -35.86
CA ILE A 165 12.15 -16.19 -35.84
C ILE A 165 11.17 -15.41 -34.97
N ASN A 166 11.70 -14.73 -33.95
CA ASN A 166 10.86 -13.98 -33.01
C ASN A 166 9.76 -14.81 -32.39
N GLY A 167 10.10 -16.03 -32.01
CA GLY A 167 9.16 -16.93 -31.35
C GLY A 167 8.23 -17.70 -32.28
N LYS A 168 8.28 -17.42 -33.57
CA LYS A 168 7.40 -18.08 -34.52
C LYS A 168 8.15 -18.96 -35.52
N LEU A 169 7.59 -20.13 -35.81
CA LEU A 169 8.19 -21.09 -36.76
C LEU A 169 8.17 -20.54 -38.19
N GLU A 170 9.34 -20.49 -38.82
CA GLU A 170 9.46 -19.96 -40.19
C GLU A 170 9.93 -20.99 -41.21
N SER A 171 10.82 -21.88 -40.79
CA SER A 171 11.38 -22.87 -41.71
C SER A 171 11.52 -24.23 -41.07
N ASN A 172 11.52 -25.26 -41.90
CA ASN A 172 11.64 -26.64 -41.42
C ASN A 172 12.20 -27.54 -42.52
N THR A 173 13.22 -28.32 -42.18
CA THR A 173 13.84 -29.24 -43.13
C THR A 173 13.87 -30.66 -42.57
N ASP A 174 13.47 -31.62 -43.41
CA ASP A 174 13.48 -33.02 -43.02
C ASP A 174 14.93 -33.47 -42.99
N ILE A 175 15.40 -33.92 -41.83
CA ILE A 175 16.78 -34.36 -41.70
C ILE A 175 16.88 -35.84 -41.28
N LYS A 176 15.78 -36.57 -41.45
CA LYS A 176 15.76 -37.99 -41.08
C LYS A 176 16.91 -38.78 -41.70
N ASP A 177 17.27 -38.42 -42.93
CA ASP A 177 18.34 -39.09 -43.67
C ASP A 177 19.77 -38.72 -43.25
N ILE A 178 19.91 -37.79 -42.31
CA ILE A 178 21.23 -37.37 -41.85
C ILE A 178 21.60 -38.21 -40.63
N ARG A 179 22.88 -38.59 -40.51
CA ARG A 179 23.30 -39.41 -39.38
C ARG A 179 23.87 -38.65 -38.18
N GLU A 180 24.79 -39.26 -37.45
CA GLU A 180 25.35 -38.61 -36.27
C GLU A 180 26.22 -37.38 -36.51
N VAL A 181 26.02 -36.36 -35.67
CA VAL A 181 26.76 -35.10 -35.76
C VAL A 181 27.66 -34.87 -34.53
N ILE A 182 28.97 -34.71 -34.78
CA ILE A 182 29.93 -34.47 -33.71
C ILE A 182 29.58 -33.13 -33.08
N ALA A 183 29.40 -33.12 -31.76
CA ALA A 183 29.00 -31.90 -31.08
C ALA A 183 30.02 -31.20 -30.18
N ASN A 184 31.20 -31.80 -29.97
CA ASN A 184 32.16 -31.16 -29.08
C ASN A 184 33.31 -30.40 -29.74
N GLY A 185 33.12 -29.97 -30.98
CA GLY A 185 34.18 -29.22 -31.64
C GLY A 185 34.30 -27.81 -31.09
N GLU A 186 35.37 -27.11 -31.44
CA GLU A 186 35.52 -25.74 -30.95
C GLU A 186 34.43 -24.94 -31.66
N ILE A 187 33.89 -23.94 -31.00
CA ILE A 187 32.88 -23.11 -31.65
C ILE A 187 33.57 -21.79 -32.01
N ILE A 188 33.73 -21.55 -33.30
CA ILE A 188 34.40 -20.35 -33.77
C ILE A 188 33.43 -19.26 -34.24
N PHE A 189 33.46 -18.12 -33.58
CA PHE A 189 32.64 -16.99 -33.98
C PHE A 189 33.60 -16.11 -34.77
N LYS A 190 33.35 -15.96 -36.07
CA LYS A 190 34.21 -15.15 -36.93
C LYS A 190 33.65 -15.10 -38.34
N LEU A 191 33.68 -13.94 -38.97
CA LEU A 191 33.16 -13.81 -40.32
C LEU A 191 34.16 -14.49 -41.23
N ASP A 192 33.69 -15.48 -41.98
CA ASP A 192 34.61 -16.18 -42.87
C ASP A 192 34.08 -16.38 -44.29
N GLY A 193 34.71 -15.68 -45.23
CA GLY A 193 34.30 -15.78 -46.62
C GLY A 193 34.76 -14.55 -47.37
N ASP A 194 34.31 -14.42 -48.62
CA ASP A 194 34.70 -13.29 -49.46
C ASP A 194 33.74 -12.13 -49.16
N ILE A 195 34.06 -11.39 -48.10
CA ILE A 195 33.21 -10.29 -47.67
C ILE A 195 33.83 -8.90 -47.80
N ASP A 196 32.95 -7.91 -47.95
CA ASP A 196 33.35 -6.52 -48.07
C ASP A 196 34.07 -6.19 -46.76
N ARG A 197 35.11 -5.37 -46.84
CA ARG A 197 35.86 -5.00 -45.64
C ARG A 197 35.00 -4.26 -44.61
N THR A 198 33.82 -3.82 -45.02
CA THR A 198 32.93 -3.08 -44.13
C THR A 198 31.84 -3.93 -43.48
N GLN A 199 31.79 -5.20 -43.85
CA GLN A 199 30.80 -6.14 -43.33
C GLN A 199 30.95 -6.36 -41.82
N PHE A 200 29.82 -6.47 -41.13
CA PHE A 200 29.84 -6.71 -39.69
C PHE A 200 28.55 -7.37 -39.25
N ILE A 201 28.61 -8.02 -38.09
CA ILE A 201 27.43 -8.69 -37.54
C ILE A 201 27.37 -8.39 -36.04
N TRP A 202 26.16 -8.19 -35.53
CA TRP A 202 25.97 -7.97 -34.10
C TRP A 202 25.21 -9.19 -33.63
N MET A 203 25.59 -9.71 -32.47
CA MET A 203 24.91 -10.87 -31.89
C MET A 203 24.76 -10.69 -30.38
N LYS A 204 23.79 -11.37 -29.79
CA LYS A 204 23.55 -11.22 -28.37
C LYS A 204 22.86 -12.47 -27.76
N TYR A 205 23.18 -12.77 -26.50
CA TYR A 205 22.59 -13.92 -25.81
C TYR A 205 22.75 -15.26 -26.53
N PHE A 206 23.94 -15.59 -27.01
CA PHE A 206 24.14 -16.86 -27.70
C PHE A 206 24.07 -18.03 -26.71
N SER A 207 23.24 -19.01 -27.00
CA SER A 207 23.13 -20.15 -26.11
C SER A 207 22.79 -21.43 -26.83
N ILE A 208 23.20 -22.54 -26.24
CA ILE A 208 22.95 -23.85 -26.83
C ILE A 208 22.25 -24.71 -25.80
N PHE A 209 21.38 -25.59 -26.26
CA PHE A 209 20.63 -26.46 -25.37
C PHE A 209 20.77 -27.88 -25.90
N ASN A 210 20.81 -28.87 -25.02
CA ASN A 210 20.94 -30.24 -25.51
C ASN A 210 19.58 -30.92 -25.56
N THR A 211 18.58 -30.13 -25.96
CA THR A 211 17.22 -30.60 -26.10
C THR A 211 16.57 -29.88 -27.28
N GLU A 212 15.40 -30.35 -27.71
CA GLU A 212 14.69 -29.67 -28.79
C GLU A 212 13.71 -28.73 -28.10
N LEU A 213 14.03 -27.44 -28.05
CA LEU A 213 13.17 -26.47 -27.39
C LEU A 213 11.77 -26.40 -28.01
N SER A 214 10.76 -26.30 -27.15
CA SER A 214 9.36 -26.19 -27.60
C SER A 214 9.09 -24.74 -28.01
N GLN A 215 8.13 -24.54 -28.90
CA GLN A 215 7.76 -23.20 -29.36
C GLN A 215 7.33 -22.38 -28.16
N SER A 216 6.63 -23.03 -27.25
CA SER A 216 6.14 -22.42 -26.02
C SER A 216 7.31 -21.85 -25.22
N ASN A 217 8.38 -22.64 -25.12
CA ASN A 217 9.59 -22.25 -24.41
C ASN A 217 10.35 -21.14 -25.14
N ILE A 218 10.34 -21.20 -26.46
CA ILE A 218 11.02 -20.20 -27.28
C ILE A 218 10.31 -18.85 -27.17
N GLU A 219 8.97 -18.89 -27.12
CA GLU A 219 8.17 -17.68 -27.01
C GLU A 219 8.43 -17.00 -25.67
N GLU A 220 8.55 -17.79 -24.62
CA GLU A 220 8.81 -17.24 -23.30
C GLU A 220 10.19 -16.58 -23.25
N ARG A 221 11.18 -17.24 -23.86
CA ARG A 221 12.54 -16.71 -23.88
C ARG A 221 12.52 -15.39 -24.68
N TYR A 222 11.79 -15.40 -25.78
CA TYR A 222 11.65 -14.23 -26.64
C TYR A 222 11.13 -13.06 -25.83
N LYS A 223 10.09 -13.32 -25.04
CA LYS A 223 9.47 -12.30 -24.21
C LYS A 223 10.42 -11.79 -23.15
N ILE A 224 11.06 -12.73 -22.45
CA ILE A 224 11.99 -12.40 -21.38
C ILE A 224 13.23 -11.62 -21.84
N GLN A 225 13.79 -11.98 -22.99
CA GLN A 225 14.98 -11.28 -23.45
C GLN A 225 14.63 -9.98 -24.18
N SER A 226 13.33 -9.73 -24.36
CA SER A 226 12.85 -8.52 -25.03
C SER A 226 12.51 -7.48 -23.96
N TYR A 227 12.32 -7.95 -22.74
CA TYR A 227 11.95 -7.09 -21.62
C TYR A 227 13.02 -6.13 -21.14
N SER A 228 12.64 -4.87 -20.96
CA SER A 228 13.57 -3.84 -20.48
C SER A 228 12.78 -2.65 -19.98
N GLU A 229 13.38 -1.87 -19.07
CA GLU A 229 12.72 -0.69 -18.53
C GLU A 229 12.80 0.47 -19.51
N TYR A 230 13.79 0.42 -20.39
CA TYR A 230 13.94 1.47 -21.38
C TYR A 230 13.19 1.10 -22.64
N LEU A 231 12.84 2.11 -23.43
CA LEU A 231 12.15 1.90 -24.69
C LEU A 231 13.24 1.67 -25.71
N LYS A 232 12.88 1.23 -26.90
CA LYS A 232 13.90 1.00 -27.90
C LYS A 232 13.65 1.84 -29.14
N ASP A 233 14.64 1.92 -30.01
CA ASP A 233 14.47 2.66 -31.24
C ASP A 233 14.11 1.67 -32.33
N PHE A 234 13.93 2.17 -33.55
CA PHE A 234 13.58 1.38 -34.72
C PHE A 234 14.47 0.16 -34.95
N TRP A 235 15.75 0.28 -34.60
CA TRP A 235 16.71 -0.80 -34.80
C TRP A 235 16.69 -1.83 -33.68
N GLY A 236 16.00 -1.50 -32.60
CA GLY A 236 15.93 -2.39 -31.46
C GLY A 236 16.90 -2.03 -30.34
N ASN A 237 17.63 -0.93 -30.49
CA ASN A 237 18.57 -0.51 -29.45
C ASN A 237 17.85 0.41 -28.48
N PRO A 238 18.46 0.67 -27.31
CA PRO A 238 17.75 1.56 -26.39
C PRO A 238 17.51 2.99 -26.92
N LEU A 239 16.31 3.49 -26.65
CA LEU A 239 15.91 4.83 -27.06
C LEU A 239 16.62 5.84 -26.17
N MET A 240 17.08 6.95 -26.74
CA MET A 240 17.81 7.93 -25.96
C MET A 240 17.34 9.37 -26.12
N TYR A 241 17.75 10.20 -25.15
CA TYR A 241 17.43 11.62 -25.16
C TYR A 241 18.53 12.32 -25.93
N ASN A 242 18.25 13.54 -26.37
CA ASN A 242 19.23 14.35 -27.08
C ASN A 242 19.89 13.67 -28.29
N LYS A 243 19.14 12.79 -28.95
CA LYS A 243 19.64 12.08 -30.12
C LYS A 243 18.68 12.33 -31.28
N GLU A 244 19.22 12.68 -32.43
CA GLU A 244 18.39 12.97 -33.59
C GLU A 244 17.71 11.74 -34.14
N TYR A 245 16.40 11.84 -34.33
CA TYR A 245 15.60 10.72 -34.81
C TYR A 245 14.58 11.10 -35.88
N TYR A 246 14.43 10.23 -36.88
CA TYR A 246 13.39 10.44 -37.88
C TYR A 246 12.24 9.58 -37.34
N MET A 247 11.01 10.08 -37.47
CA MET A 247 9.85 9.36 -36.95
C MET A 247 9.13 8.46 -37.94
N PHE A 248 8.84 7.25 -37.47
CA PHE A 248 8.17 6.21 -38.24
C PHE A 248 6.85 5.86 -37.55
N ASN A 249 5.80 5.59 -38.34
CA ASN A 249 4.49 5.24 -37.82
C ASN A 249 4.15 3.80 -38.22
N ALA A 250 3.95 2.95 -37.22
CA ALA A 250 3.64 1.55 -37.49
C ALA A 250 2.34 1.39 -38.28
N GLY A 251 1.34 2.19 -37.94
CA GLY A 251 0.06 2.14 -38.63
C GLY A 251 0.05 2.70 -40.04
N ASN A 252 1.02 3.53 -40.36
CA ASN A 252 1.12 4.12 -41.70
C ASN A 252 2.59 4.09 -42.06
N LYS A 253 3.11 2.87 -42.26
CA LYS A 253 4.52 2.64 -42.56
C LYS A 253 5.15 3.48 -43.67
N ASN A 254 4.40 3.78 -44.73
CA ASN A 254 4.95 4.56 -45.83
C ASN A 254 4.79 6.07 -45.69
N SER A 255 4.44 6.54 -44.50
CA SER A 255 4.25 7.97 -44.26
C SER A 255 5.29 8.62 -43.35
N TYR A 256 5.54 9.91 -43.55
CA TYR A 256 6.48 10.65 -42.73
C TYR A 256 5.96 12.07 -42.47
N ILE A 257 6.51 12.70 -41.43
CA ILE A 257 6.07 14.02 -41.01
C ILE A 257 6.90 15.16 -41.60
N LYS A 258 6.21 16.15 -42.16
CA LYS A 258 6.82 17.32 -42.77
C LYS A 258 6.04 18.57 -42.36
N LEU A 259 6.73 19.57 -41.83
CA LEU A 259 6.08 20.82 -41.46
C LEU A 259 5.42 21.32 -42.73
N LYS A 260 4.11 21.52 -42.69
CA LYS A 260 3.36 21.99 -43.84
C LYS A 260 3.68 23.47 -44.09
N LYS A 261 4.02 23.78 -45.34
CA LYS A 261 4.37 25.15 -45.72
C LYS A 261 3.29 26.17 -45.32
N ASP A 262 3.74 27.32 -44.83
CA ASP A 262 2.85 28.39 -44.42
C ASP A 262 1.87 28.01 -43.30
N SER A 263 2.15 26.93 -42.58
CA SER A 263 1.29 26.49 -41.49
C SER A 263 2.08 26.06 -40.25
N PRO A 264 1.41 25.95 -39.09
CA PRO A 264 2.05 25.53 -37.84
C PRO A 264 1.66 24.09 -37.57
N VAL A 265 1.50 23.32 -38.64
CA VAL A 265 1.13 21.92 -38.49
C VAL A 265 2.02 21.01 -39.30
N GLY A 266 1.99 19.73 -38.97
CA GLY A 266 2.80 18.78 -39.70
C GLY A 266 1.92 17.99 -40.66
N GLU A 267 2.26 18.04 -41.94
CA GLU A 267 1.50 17.28 -42.92
C GLU A 267 2.16 15.91 -43.03
N ILE A 268 1.42 14.95 -43.56
CA ILE A 268 1.91 13.58 -43.73
C ILE A 268 2.14 13.28 -45.21
N LEU A 269 3.37 12.97 -45.57
CA LEU A 269 3.71 12.70 -46.96
C LEU A 269 4.15 11.26 -47.11
N THR A 270 4.18 10.78 -48.36
CA THR A 270 4.58 9.41 -48.69
C THR A 270 6.09 9.32 -48.87
N ARG A 271 6.69 8.30 -48.27
CA ARG A 271 8.14 8.12 -48.35
C ARG A 271 8.65 7.97 -49.78
N SER A 272 9.79 8.58 -50.06
CA SER A 272 10.42 8.45 -51.36
C SER A 272 10.95 7.01 -51.38
N LYS A 273 11.16 6.45 -52.57
CA LYS A 273 11.63 5.07 -52.67
C LYS A 273 12.98 4.93 -53.37
N TYR A 274 13.56 3.74 -53.26
CA TYR A 274 14.85 3.43 -53.88
C TYR A 274 14.78 3.94 -55.32
N ASN A 275 15.68 4.86 -55.68
CA ASN A 275 15.69 5.46 -57.01
C ASN A 275 16.39 4.70 -58.12
N GLN A 276 17.49 4.02 -57.81
CA GLN A 276 18.20 3.29 -58.85
C GLN A 276 17.25 2.22 -59.40
N ASN A 277 17.77 1.27 -60.17
CA ASN A 277 16.86 0.27 -60.72
C ASN A 277 17.37 -1.17 -60.64
N SER A 278 17.88 -1.56 -59.47
CA SER A 278 18.36 -2.92 -59.28
C SER A 278 17.14 -3.85 -59.25
N LYS A 279 17.24 -4.99 -59.91
CA LYS A 279 16.12 -5.93 -59.95
C LYS A 279 16.05 -6.77 -58.69
N TYR A 280 17.02 -6.58 -57.80
CA TYR A 280 17.07 -7.32 -56.55
C TYR A 280 16.41 -6.64 -55.36
N ILE A 281 16.54 -5.32 -55.29
CA ILE A 281 16.02 -4.59 -54.14
C ILE A 281 15.00 -3.48 -54.34
N ASN A 282 14.33 -3.15 -53.24
CA ASN A 282 13.35 -2.08 -53.17
C ASN A 282 13.14 -1.76 -51.69
N TYR A 283 12.95 -0.48 -51.36
CA TYR A 283 12.73 -0.05 -49.98
C TYR A 283 12.34 1.42 -49.98
N ARG A 284 11.74 1.87 -48.89
CA ARG A 284 11.35 3.27 -48.76
C ARG A 284 12.45 3.94 -47.94
N ASP A 285 12.82 5.18 -48.28
CA ASP A 285 13.86 5.87 -47.53
C ASP A 285 13.41 6.05 -46.09
N LEU A 286 14.36 6.04 -45.16
CA LEU A 286 14.07 6.17 -43.73
C LEU A 286 14.57 7.47 -43.11
N TYR A 287 15.56 8.10 -43.74
CA TYR A 287 16.09 9.33 -43.21
C TYR A 287 15.41 10.52 -43.87
N ILE A 288 14.11 10.64 -43.67
CA ILE A 288 13.34 11.73 -44.27
C ILE A 288 12.29 12.25 -43.31
N GLY A 289 11.80 13.46 -43.59
CA GLY A 289 10.82 14.06 -42.71
C GLY A 289 11.60 14.83 -41.68
N GLU A 290 10.89 15.51 -40.79
CA GLU A 290 11.53 16.32 -39.77
C GLU A 290 12.47 15.53 -38.86
N LYS A 291 13.59 16.16 -38.50
CA LYS A 291 14.55 15.52 -37.62
C LYS A 291 14.11 15.86 -36.22
N PHE A 292 13.54 14.88 -35.51
CA PHE A 292 13.08 15.11 -34.15
C PHE A 292 14.19 14.81 -33.16
N ILE A 293 13.98 15.26 -31.93
CA ILE A 293 14.94 14.99 -30.86
C ILE A 293 14.15 15.00 -29.56
N ILE A 294 14.38 14.01 -28.72
CA ILE A 294 13.65 13.93 -27.48
C ILE A 294 14.42 14.62 -26.36
N ARG A 295 13.72 15.49 -25.63
CA ARG A 295 14.34 16.22 -24.53
C ARG A 295 13.66 15.81 -23.24
N ARG A 296 14.46 15.70 -22.19
CA ARG A 296 13.94 15.33 -20.88
C ARG A 296 13.14 16.50 -20.31
N LYS A 297 11.98 16.20 -19.75
CA LYS A 297 11.12 17.22 -19.15
C LYS A 297 11.51 17.39 -17.67
N SER A 298 10.87 16.58 -16.83
CA SER A 298 11.11 16.59 -15.38
C SER A 298 12.60 16.63 -15.05
N ASN A 299 12.97 17.55 -14.17
CA ASN A 299 14.36 17.71 -13.74
C ASN A 299 15.33 17.65 -14.93
N SER A 300 15.49 18.79 -15.61
CA SER A 300 16.40 18.85 -16.75
C SER A 300 17.76 19.41 -16.33
N GLN A 301 18.66 18.51 -15.92
CA GLN A 301 19.99 18.89 -15.48
C GLN A 301 21.09 18.50 -16.48
N SER A 302 21.73 19.52 -17.05
CA SER A 302 22.79 19.35 -18.04
C SER A 302 22.58 18.16 -18.98
N ILE A 303 21.37 18.06 -19.52
CA ILE A 303 21.02 16.98 -20.45
C ILE A 303 21.94 16.95 -21.66
N ASN A 304 22.85 15.98 -21.68
CA ASN A 304 23.80 15.80 -22.78
C ASN A 304 23.39 14.59 -23.62
N ASP A 305 22.65 13.68 -22.98
CA ASP A 305 22.15 12.45 -23.58
C ASP A 305 21.69 11.57 -22.43
N ASP A 306 21.18 10.37 -22.74
CA ASP A 306 20.71 9.45 -21.71
C ASP A 306 19.66 8.49 -22.28
N ILE A 307 19.21 7.55 -21.46
CA ILE A 307 18.23 6.55 -21.88
C ILE A 307 16.79 6.87 -21.51
N VAL A 308 15.89 6.73 -22.47
CA VAL A 308 14.47 6.99 -22.28
C VAL A 308 13.76 5.75 -21.74
N ARG A 309 13.08 5.90 -20.60
CA ARG A 309 12.38 4.78 -19.98
C ARG A 309 10.87 4.97 -19.98
N LYS A 310 10.15 3.86 -19.91
CA LYS A 310 8.69 3.89 -19.87
C LYS A 310 8.22 4.85 -18.78
N GLU A 311 7.19 5.63 -19.09
CA GLU A 311 6.59 6.59 -18.16
C GLU A 311 7.37 7.90 -17.99
N ASP A 312 8.47 8.06 -18.71
CA ASP A 312 9.25 9.28 -18.62
C ASP A 312 8.46 10.47 -19.16
N TYR A 313 8.71 11.66 -18.61
CA TYR A 313 8.04 12.87 -19.10
C TYR A 313 9.03 13.56 -20.03
N ILE A 314 8.58 13.86 -21.24
CA ILE A 314 9.45 14.45 -22.23
C ILE A 314 8.89 15.66 -22.98
N TYR A 315 9.73 16.20 -23.86
CA TYR A 315 9.36 17.30 -24.73
C TYR A 315 9.73 16.72 -26.09
N LEU A 316 8.81 16.74 -27.05
CA LEU A 316 9.13 16.23 -28.37
C LEU A 316 9.42 17.44 -29.25
N ASP A 317 10.69 17.63 -29.58
CA ASP A 317 11.11 18.75 -30.42
C ASP A 317 11.59 18.24 -31.78
N PHE A 318 11.90 19.19 -32.66
CA PHE A 318 12.41 18.89 -33.99
C PHE A 318 13.11 20.14 -34.51
N PHE A 319 14.08 19.97 -35.40
CA PHE A 319 14.81 21.11 -35.91
C PHE A 319 14.17 21.73 -37.13
N ASN A 320 13.97 23.04 -37.05
CA ASN A 320 13.40 23.78 -38.15
C ASN A 320 14.55 24.62 -38.64
N LEU A 321 15.38 24.03 -39.51
CA LEU A 321 16.55 24.73 -40.04
C LEU A 321 17.42 25.31 -38.93
N ASN A 322 18.07 24.42 -38.17
CA ASN A 322 18.97 24.83 -37.09
C ASN A 322 18.28 25.24 -35.78
N GLN A 323 17.05 25.71 -35.87
CA GLN A 323 16.31 26.11 -34.67
C GLN A 323 15.54 24.91 -34.13
N GLU A 324 15.47 24.80 -32.80
CA GLU A 324 14.77 23.70 -32.17
C GLU A 324 13.36 24.08 -31.78
N TRP A 325 12.39 23.57 -32.54
CA TRP A 325 10.99 23.85 -32.28
C TRP A 325 10.41 22.71 -31.45
N ARG A 326 9.15 22.84 -31.05
CA ARG A 326 8.53 21.84 -30.20
C ARG A 326 7.14 21.46 -30.67
N VAL A 327 6.69 20.29 -30.23
CA VAL A 327 5.38 19.73 -30.59
C VAL A 327 4.41 19.99 -29.44
N TYR A 328 3.28 20.59 -29.76
CA TYR A 328 2.27 20.90 -28.75
C TYR A 328 0.88 20.47 -29.20
N THR A 329 -0.07 20.55 -28.27
CA THR A 329 -1.47 20.27 -28.54
C THR A 329 -2.16 21.47 -27.92
N TYR A 330 -3.25 21.94 -28.51
CA TYR A 330 -3.97 23.05 -27.91
C TYR A 330 -4.72 22.47 -26.72
N LYS A 331 -4.80 23.21 -25.63
CA LYS A 331 -5.48 22.74 -24.45
C LYS A 331 -6.97 22.57 -24.75
N TYR A 332 -7.42 23.14 -25.86
CA TYR A 332 -8.83 23.08 -26.22
C TYR A 332 -9.13 22.75 -27.68
N PHE A 333 -9.89 21.69 -27.89
CA PHE A 333 -10.32 21.27 -29.24
C PHE A 333 -11.53 20.37 -29.09
N LYS A 334 -12.54 20.61 -29.93
CA LYS A 334 -13.79 19.86 -29.85
C LYS A 334 -13.96 18.65 -30.77
N LYS A 335 -13.18 18.58 -31.84
CA LYS A 335 -13.28 17.44 -32.75
C LYS A 335 -12.71 16.20 -32.08
N GLU A 336 -13.04 15.02 -32.59
CA GLU A 336 -12.54 13.78 -32.00
C GLU A 336 -11.02 13.80 -32.10
N GLU A 337 -10.53 14.54 -33.10
CA GLU A 337 -9.10 14.68 -33.30
C GLU A 337 -8.81 16.05 -33.90
N GLU A 338 -7.62 16.56 -33.60
CA GLU A 338 -7.22 17.86 -34.13
C GLU A 338 -5.74 17.80 -34.51
N LYS A 339 -5.27 18.83 -35.19
CA LYS A 339 -3.88 18.89 -35.64
C LYS A 339 -2.95 19.35 -34.53
N LEU A 340 -1.81 18.66 -34.41
CA LEU A 340 -0.83 19.04 -33.41
C LEU A 340 -0.31 20.40 -33.83
N PHE A 341 0.16 21.18 -32.87
CA PHE A 341 0.68 22.53 -33.13
C PHE A 341 2.20 22.60 -33.04
N LEU A 342 2.85 22.88 -34.17
CA LEU A 342 4.30 22.97 -34.24
C LEU A 342 4.77 24.44 -34.18
N ALA A 343 5.62 24.75 -33.20
CA ALA A 343 6.10 26.12 -33.02
C ALA A 343 7.36 26.22 -32.15
N PRO A 344 7.93 27.44 -32.05
CA PRO A 344 9.14 27.68 -31.25
C PRO A 344 8.92 27.31 -29.78
N ILE A 345 10.01 27.11 -29.05
CA ILE A 345 9.94 26.75 -27.65
C ILE A 345 9.47 27.94 -26.82
N SER A 346 8.24 27.84 -26.32
CA SER A 346 7.63 28.88 -25.52
C SER A 346 6.84 28.33 -24.34
N ASP A 347 6.49 29.22 -23.40
CA ASP A 347 5.75 28.85 -22.20
C ASP A 347 4.28 29.19 -22.28
N SER A 348 3.81 29.51 -23.50
CA SER A 348 2.40 29.86 -23.70
C SER A 348 1.47 29.00 -22.85
N ASP A 349 0.43 29.65 -22.32
CA ASP A 349 -0.54 28.97 -21.48
C ASP A 349 -1.72 28.53 -22.34
N GLU A 350 -1.57 28.67 -23.65
CA GLU A 350 -2.62 28.28 -24.58
C GLU A 350 -2.53 26.83 -25.04
N PHE A 351 -1.43 26.16 -24.70
CA PHE A 351 -1.29 24.77 -25.11
C PHE A 351 -0.42 23.90 -24.21
N TYR A 352 -0.62 22.59 -24.32
CA TYR A 352 0.13 21.61 -23.54
C TYR A 352 1.44 21.29 -24.27
N ASN A 353 2.51 21.09 -23.51
CA ASN A 353 3.81 20.78 -24.10
C ASN A 353 4.47 19.54 -23.51
N THR A 354 3.90 19.02 -22.44
CA THR A 354 4.46 17.85 -21.77
C THR A 354 3.86 16.55 -22.24
N ILE A 355 4.72 15.66 -22.70
CA ILE A 355 4.31 14.36 -23.21
C ILE A 355 4.88 13.26 -22.32
N GLN A 356 4.11 12.19 -22.13
CA GLN A 356 4.57 11.06 -21.36
C GLN A 356 4.68 9.91 -22.35
N ILE A 357 5.88 9.37 -22.50
CA ILE A 357 6.08 8.27 -23.43
C ILE A 357 5.66 6.95 -22.77
N LYS A 358 4.81 6.20 -23.44
CA LYS A 358 4.29 4.98 -22.87
C LYS A 358 4.53 3.76 -23.75
N GLU A 359 4.06 2.62 -23.25
CA GLU A 359 4.14 1.35 -23.94
C GLU A 359 2.87 0.61 -23.60
N TYR A 360 1.89 0.65 -24.49
CA TYR A 360 0.63 -0.03 -24.25
C TYR A 360 0.64 -1.48 -24.68
N ASP A 361 1.57 -1.83 -25.56
CA ASP A 361 1.68 -3.20 -26.06
C ASP A 361 2.19 -4.14 -24.98
N GLU A 362 1.48 -5.26 -24.77
CA GLU A 362 1.88 -6.25 -23.78
C GLU A 362 2.89 -7.24 -24.39
N GLN A 363 2.97 -7.27 -25.72
CA GLN A 363 3.89 -8.15 -26.45
C GLN A 363 5.10 -7.35 -26.91
N PRO A 364 6.23 -8.03 -27.22
CA PRO A 364 7.48 -7.40 -27.67
C PRO A 364 7.29 -6.45 -28.85
N THR A 365 7.83 -5.25 -28.75
CA THR A 365 7.72 -4.28 -29.82
C THR A 365 8.76 -3.19 -29.67
N TYR A 366 9.00 -2.46 -30.76
CA TYR A 366 9.94 -1.35 -30.71
C TYR A 366 9.14 -0.05 -30.78
N SER A 367 7.81 -0.19 -30.83
CA SER A 367 6.93 0.97 -30.90
C SER A 367 6.60 1.46 -29.51
N CYS A 368 6.28 2.75 -29.41
CA CYS A 368 5.89 3.34 -28.14
C CYS A 368 4.71 4.28 -28.44
N GLN A 369 4.10 4.84 -27.41
CA GLN A 369 2.99 5.76 -27.63
C GLN A 369 3.29 7.06 -26.94
N LEU A 370 2.76 8.14 -27.48
CA LEU A 370 2.99 9.47 -26.94
C LEU A 370 1.67 10.06 -26.46
N LEU A 371 1.58 10.28 -25.15
CA LEU A 371 0.37 10.80 -24.52
C LEU A 371 0.49 12.19 -23.92
N PHE A 372 -0.52 13.03 -24.16
CA PHE A 372 -0.56 14.36 -23.58
C PHE A 372 -1.55 14.29 -22.42
N LYS A 373 -1.12 14.67 -21.22
CA LYS A 373 -2.01 14.67 -20.06
C LYS A 373 -2.11 16.12 -19.56
N LYS A 374 -3.12 16.39 -18.75
CA LYS A 374 -3.30 17.74 -18.20
C LYS A 374 -1.99 18.14 -17.53
N ASP A 375 -1.42 17.21 -16.77
CA ASP A 375 -0.17 17.42 -16.07
C ASP A 375 0.40 16.08 -15.58
N GLU A 376 1.58 16.12 -14.96
CA GLU A 376 2.22 14.91 -14.49
C GLU A 376 1.42 14.19 -13.40
N GLU A 377 0.96 14.93 -12.41
CA GLU A 377 0.20 14.34 -11.31
C GLU A 377 -1.27 14.06 -11.65
N SER A 378 -1.80 14.75 -12.66
CA SER A 378 -3.18 14.55 -13.06
C SER A 378 -3.36 13.24 -13.80
N THR A 379 -4.60 12.73 -13.80
CA THR A 379 -4.91 11.49 -14.49
C THR A 379 -5.87 11.78 -15.65
N ASP A 380 -6.05 13.07 -15.94
CA ASP A 380 -6.90 13.49 -17.04
C ASP A 380 -6.04 13.42 -18.30
N GLU A 381 -6.23 12.38 -19.09
CA GLU A 381 -5.45 12.20 -20.31
C GLU A 381 -6.10 12.99 -21.44
N ILE A 382 -5.31 13.82 -22.11
CA ILE A 382 -5.80 14.64 -23.21
C ILE A 382 -5.98 13.82 -24.47
N GLY A 383 -4.92 13.12 -24.88
CA GLY A 383 -5.00 12.31 -26.08
C GLY A 383 -3.65 11.73 -26.47
N LEU A 384 -3.66 10.90 -27.51
CA LEU A 384 -2.43 10.28 -28.00
C LEU A 384 -2.02 10.81 -29.37
N ILE A 385 -0.72 10.99 -29.56
CA ILE A 385 -0.16 11.47 -30.82
C ILE A 385 -0.30 10.39 -31.89
N GLY A 386 -0.76 10.78 -33.08
CA GLY A 386 -0.92 9.83 -34.16
C GLY A 386 -1.06 10.52 -35.49
N ILE A 387 -1.73 9.84 -36.43
CA ILE A 387 -1.98 10.36 -37.77
C ILE A 387 -3.46 10.19 -38.11
N HIS A 388 -4.06 11.22 -38.70
CA HIS A 388 -5.46 11.15 -39.09
C HIS A 388 -5.70 11.88 -40.40
N ARG A 389 -6.53 11.29 -41.26
CA ARG A 389 -6.85 11.88 -42.55
C ARG A 389 -8.03 12.84 -42.41
N PHE A 390 -7.75 14.15 -42.42
CA PHE A 390 -8.79 15.16 -42.29
C PHE A 390 -9.48 15.42 -43.63
N TYR A 391 -10.54 16.22 -43.58
CA TYR A 391 -11.33 16.57 -44.77
C TYR A 391 -11.27 18.07 -45.01
N GLU A 392 -10.48 18.48 -46.00
CA GLU A 392 -10.30 19.90 -46.32
C GLU A 392 -11.32 20.46 -47.32
N SER A 393 -12.56 20.64 -46.87
CA SER A 393 -13.60 21.18 -47.73
C SER A 393 -13.37 22.65 -48.09
N GLY A 394 -12.60 22.88 -49.14
CA GLY A 394 -12.34 24.24 -49.57
C GLY A 394 -13.58 24.70 -50.29
N ILE A 395 -13.64 25.98 -50.65
CA ILE A 395 -14.78 26.49 -51.36
C ILE A 395 -14.94 25.84 -52.72
N VAL A 396 -13.91 25.10 -53.10
CA VAL A 396 -13.88 24.40 -54.36
C VAL A 396 -12.96 23.19 -54.24
N PHE A 397 -12.15 23.17 -53.19
CA PHE A 397 -11.22 22.08 -52.99
C PHE A 397 -11.89 20.70 -53.02
N GLU A 398 -12.35 20.23 -51.86
CA GLU A 398 -12.99 18.92 -51.73
C GLU A 398 -11.92 17.84 -51.74
N GLU A 399 -11.10 17.80 -50.69
CA GLU A 399 -10.02 16.83 -50.60
C GLU A 399 -9.73 16.39 -49.17
N TYR A 400 -9.30 15.14 -49.03
CA TYR A 400 -8.96 14.56 -47.74
C TYR A 400 -7.43 14.59 -47.62
N LYS A 401 -6.92 14.91 -46.43
CA LYS A 401 -5.48 15.01 -46.23
C LYS A 401 -5.01 14.53 -44.85
N ASP A 402 -3.90 13.80 -44.84
CA ASP A 402 -3.30 13.28 -43.62
C ASP A 402 -2.49 14.31 -42.84
N TYR A 403 -2.75 14.39 -41.53
CA TYR A 403 -2.03 15.32 -40.66
C TYR A 403 -1.51 14.63 -39.38
N PHE A 404 -0.42 15.18 -38.85
CA PHE A 404 0.22 14.74 -37.60
C PHE A 404 -0.77 15.24 -36.56
N CYS A 405 -1.47 14.31 -35.91
CA CYS A 405 -2.55 14.68 -34.99
C CYS A 405 -2.56 14.12 -33.57
N ILE A 406 -3.51 14.63 -32.79
CA ILE A 406 -3.74 14.16 -31.42
C ILE A 406 -5.16 13.62 -31.50
N SER A 407 -5.45 12.54 -30.76
CA SER A 407 -6.78 11.97 -30.80
C SER A 407 -7.29 11.45 -29.46
N LYS A 408 -8.56 11.71 -29.18
CA LYS A 408 -9.23 11.26 -27.96
C LYS A 408 -9.57 9.79 -28.16
N TRP A 409 -9.87 9.47 -29.41
CA TRP A 409 -10.23 8.11 -29.84
C TRP A 409 -9.19 7.07 -29.41
N TYR A 410 -7.92 7.32 -29.73
CA TYR A 410 -6.87 6.39 -29.36
C TYR A 410 -6.92 5.99 -27.89
N LEU A 411 -7.19 6.97 -27.02
CA LEU A 411 -7.24 6.73 -25.58
C LEU A 411 -8.05 5.49 -25.19
N LYS A 412 -9.12 5.22 -25.92
CA LYS A 412 -9.93 4.04 -25.63
C LYS A 412 -9.49 2.84 -26.48
N GLU A 413 -9.03 3.10 -27.70
CA GLU A 413 -8.57 2.03 -28.59
C GLU A 413 -7.39 1.25 -28.02
N VAL A 414 -6.49 1.93 -27.33
CA VAL A 414 -5.32 1.27 -26.74
C VAL A 414 -5.73 0.34 -25.59
N LYS A 415 -6.98 0.44 -25.16
CA LYS A 415 -7.49 -0.40 -24.07
C LYS A 415 -7.97 -1.75 -24.57
N ARG A 416 -8.43 -1.78 -25.82
CA ARG A 416 -8.93 -3.00 -26.43
C ARG A 416 -7.85 -4.09 -26.44
N LYS A 417 -8.27 -5.32 -26.19
CA LYS A 417 -7.34 -6.46 -26.17
C LYS A 417 -7.69 -7.44 -27.30
N PRO A 418 -6.66 -7.98 -27.98
CA PRO A 418 -5.23 -7.70 -27.77
C PRO A 418 -4.85 -6.29 -28.22
N TYR A 419 -3.72 -5.77 -27.73
CA TYR A 419 -3.32 -4.42 -28.11
C TYR A 419 -3.21 -4.28 -29.63
N ASN A 420 -3.83 -3.23 -30.16
CA ASN A 420 -3.86 -2.95 -31.58
C ASN A 420 -2.51 -2.50 -32.12
N LEU A 421 -1.85 -3.36 -32.90
CA LEU A 421 -0.55 -3.02 -33.49
C LEU A 421 -0.69 -2.09 -34.71
N LYS A 422 -1.85 -2.14 -35.34
CA LYS A 422 -2.14 -1.33 -36.53
C LYS A 422 -2.47 0.14 -36.23
N LEU A 423 -2.65 0.49 -34.96
CA LEU A 423 -2.99 1.87 -34.62
C LEU A 423 -1.97 2.88 -35.12
N GLY A 424 -2.48 4.02 -35.56
CA GLY A 424 -1.62 5.08 -36.05
C GLY A 424 -1.01 5.84 -34.90
N CYS A 425 -1.17 5.34 -33.68
CA CYS A 425 -0.58 6.01 -32.53
C CYS A 425 0.69 5.31 -32.06
N ASN A 426 1.17 4.35 -32.85
CA ASN A 426 2.39 3.62 -32.50
C ASN A 426 3.54 4.21 -33.31
N TRP A 427 4.55 4.70 -32.61
CA TRP A 427 5.69 5.31 -33.26
C TRP A 427 7.01 4.64 -32.98
N GLN A 428 7.95 4.83 -33.90
CA GLN A 428 9.28 4.32 -33.72
C GLN A 428 10.23 5.41 -34.16
N PHE A 429 11.35 5.54 -33.45
CA PHE A 429 12.34 6.54 -33.75
C PHE A 429 13.53 5.93 -34.48
N ILE A 430 13.90 6.55 -35.60
CA ILE A 430 15.00 6.06 -36.43
C ILE A 430 16.21 6.98 -36.48
N PRO A 431 17.32 6.57 -35.84
CA PRO A 431 18.54 7.40 -35.86
C PRO A 431 19.44 6.92 -37.00
N LYS A 432 20.29 7.80 -37.52
CA LYS A 432 21.21 7.40 -38.59
C LYS A 432 21.99 6.22 -38.04
N ASP A 433 22.20 5.20 -38.86
CA ASP A 433 22.94 4.03 -38.42
C ASP A 433 23.86 3.54 -39.53
N GLU A 434 25.07 3.13 -39.17
CA GLU A 434 26.00 2.67 -40.19
C GLU A 434 25.47 1.45 -40.91
N GLY A 435 24.57 0.72 -40.26
CA GLY A 435 23.99 -0.47 -40.85
C GLY A 435 22.92 -0.19 -41.89
N TRP A 436 22.54 1.07 -42.08
CA TRP A 436 21.54 1.42 -43.07
C TRP A 436 21.95 2.64 -43.89
N THR A 437 22.29 2.41 -45.15
CA THR A 437 22.68 3.52 -46.03
C THR A 437 21.65 3.58 -47.16
N GLU A 438 21.29 4.79 -47.58
CA GLU A 438 20.29 4.97 -48.63
C GLU A 438 20.59 6.20 -49.48
N ASN B 1 -22.60 -7.65 56.21
CA ASN B 1 -23.00 -8.84 57.01
C ASN B 1 -22.12 -10.03 56.62
N LYS B 2 -20.86 -9.71 56.30
CA LYS B 2 -19.85 -10.70 55.92
C LYS B 2 -20.35 -11.72 54.89
N TYR B 3 -21.53 -11.43 54.31
CA TYR B 3 -22.14 -12.26 53.29
C TYR B 3 -21.63 -11.63 52.01
N ASN B 4 -20.81 -10.62 52.23
CA ASN B 4 -20.14 -9.87 51.21
C ASN B 4 -18.89 -10.70 50.76
N SER B 5 -18.56 -11.83 51.45
CA SER B 5 -17.39 -12.73 51.17
C SER B 5 -17.70 -13.65 49.99
N GLU B 6 -18.94 -13.59 49.53
CA GLU B 6 -19.39 -14.42 48.40
C GLU B 6 -18.50 -14.33 47.19
N ILE B 7 -18.12 -12.92 46.75
CA ILE B 7 -17.29 -12.81 45.58
C ILE B 7 -15.86 -13.27 45.81
N LEU B 8 -15.55 -13.81 47.00
CA LEU B 8 -14.20 -14.29 47.25
C LEU B 8 -14.17 -15.80 47.14
N ASN B 9 -15.32 -16.44 47.28
CA ASN B 9 -15.36 -17.89 47.17
C ASN B 9 -14.55 -18.33 45.94
N ASN B 10 -13.88 -19.47 46.07
CA ASN B 10 -13.11 -20.05 44.99
C ASN B 10 -11.99 -19.16 44.45
N ILE B 11 -11.57 -18.15 45.20
CA ILE B 11 -10.51 -17.29 44.71
C ILE B 11 -9.14 -17.93 44.96
N ILE B 12 -8.25 -17.89 43.98
CA ILE B 12 -6.94 -18.50 44.13
C ILE B 12 -5.79 -17.50 43.91
N LEU B 13 -6.12 -16.33 43.40
CA LEU B 13 -5.14 -15.25 43.21
C LEU B 13 -5.91 -13.93 43.39
N ASN B 14 -5.45 -13.09 44.32
CA ASN B 14 -6.12 -11.83 44.59
C ASN B 14 -5.09 -10.72 44.76
N LEU B 15 -4.64 -10.16 43.63
CA LEU B 15 -3.64 -9.09 43.66
C LEU B 15 -4.19 -7.78 44.19
N ARG B 16 -3.70 -7.37 45.35
CA ARG B 16 -4.15 -6.14 45.97
C ARG B 16 -2.99 -5.25 46.36
N TYR B 17 -3.25 -3.95 46.38
CA TYR B 17 -2.23 -2.98 46.72
C TYR B 17 -1.93 -2.95 48.22
N LYS B 18 -0.66 -2.75 48.54
CA LYS B 18 -0.20 -2.66 49.92
C LYS B 18 1.23 -2.11 49.96
N ASP B 19 1.39 -0.92 50.53
CA ASP B 19 2.70 -0.29 50.66
C ASP B 19 3.46 -0.15 49.35
N ASN B 20 2.97 0.71 48.47
CA ASN B 20 3.64 0.94 47.19
C ASN B 20 4.10 -0.40 46.61
N ASN B 21 3.24 -1.41 46.76
CA ASN B 21 3.54 -2.76 46.26
C ASN B 21 2.24 -3.57 46.14
N LEU B 22 2.32 -4.71 45.47
CA LEU B 22 1.18 -5.61 45.29
C LEU B 22 1.49 -6.95 45.93
N ILE B 23 0.47 -7.63 46.42
CA ILE B 23 0.65 -8.94 47.03
C ILE B 23 -0.61 -9.77 46.85
N ASP B 24 -0.47 -11.08 47.00
CA ASP B 24 -1.59 -12.00 46.86
C ASP B 24 -2.26 -12.17 48.22
N LEU B 25 -3.52 -11.75 48.32
CA LEU B 25 -4.25 -11.88 49.57
C LEU B 25 -5.26 -13.02 49.46
N SER B 26 -5.04 -13.88 48.47
CA SER B 26 -5.92 -15.03 48.26
C SER B 26 -5.87 -15.99 49.45
N GLY B 27 -4.67 -16.19 49.98
CA GLY B 27 -4.49 -17.08 51.10
C GLY B 27 -3.52 -18.20 50.77
N TYR B 28 -3.14 -18.29 49.50
CA TYR B 28 -2.21 -19.31 49.04
C TYR B 28 -0.81 -18.71 48.87
N GLY B 29 -0.70 -17.43 49.23
CA GLY B 29 0.56 -16.72 49.16
C GLY B 29 1.46 -16.88 47.94
N ALA B 30 0.98 -16.48 46.77
CA ALA B 30 1.80 -16.57 45.58
C ALA B 30 2.86 -15.49 45.68
N LYS B 31 4.02 -15.71 45.03
CA LYS B 31 5.09 -14.72 45.06
C LYS B 31 4.83 -13.66 43.99
N VAL B 32 4.84 -12.39 44.39
CA VAL B 32 4.60 -11.29 43.47
C VAL B 32 5.71 -10.25 43.46
N GLU B 33 6.31 -10.04 42.29
CA GLU B 33 7.38 -9.07 42.17
C GLU B 33 6.97 -7.97 41.19
N VAL B 34 6.77 -6.77 41.70
CA VAL B 34 6.41 -5.63 40.86
C VAL B 34 7.71 -4.89 40.58
N TYR B 35 7.97 -4.54 39.32
CA TYR B 35 9.20 -3.83 39.01
C TYR B 35 9.02 -2.31 38.89
N ASP B 36 10.13 -1.59 38.97
CA ASP B 36 10.15 -0.11 38.92
C ASP B 36 9.33 0.57 37.83
N GLY B 37 9.15 -0.09 36.69
CA GLY B 37 8.38 0.52 35.62
C GLY B 37 6.88 0.43 35.80
N VAL B 38 6.45 -0.09 36.95
CA VAL B 38 5.02 -0.23 37.24
C VAL B 38 4.54 0.85 38.20
N GLU B 39 3.71 1.75 37.70
CA GLU B 39 3.18 2.81 38.53
C GLU B 39 1.90 2.32 39.21
N LEU B 40 1.81 2.49 40.53
CA LEU B 40 0.62 2.08 41.25
C LEU B 40 0.19 3.16 42.24
N ASN B 41 -1.01 3.01 42.79
CA ASN B 41 -1.54 3.97 43.76
C ASN B 41 -2.40 3.26 44.81
N ASP B 42 -2.67 3.94 45.91
CA ASP B 42 -3.47 3.37 46.98
C ASP B 42 -4.90 3.07 46.54
N LYS B 43 -5.22 3.44 45.30
CA LYS B 43 -6.54 3.20 44.74
C LYS B 43 -6.54 1.85 43.99
N ASN B 44 -5.51 1.06 44.23
CA ASN B 44 -5.39 -0.25 43.61
C ASN B 44 -5.18 -0.27 42.10
N GLN B 45 -5.04 0.89 41.48
CA GLN B 45 -4.84 0.95 40.04
C GLN B 45 -3.35 0.90 39.70
N PHE B 46 -2.96 0.10 38.71
CA PHE B 46 -1.55 0.05 38.31
C PHE B 46 -1.39 0.24 36.81
N LYS B 47 -0.27 0.84 36.41
CA LYS B 47 -0.01 1.14 35.02
C LYS B 47 1.17 0.35 34.43
N LEU B 48 0.97 -0.16 33.21
CA LEU B 48 1.99 -0.92 32.51
C LEU B 48 2.34 -0.08 31.29
N THR B 49 3.62 0.12 31.03
CA THR B 49 4.02 0.94 29.88
C THR B 49 4.89 0.20 28.86
N SER B 50 5.46 0.97 27.93
CA SER B 50 6.31 0.44 26.87
C SER B 50 7.69 0.05 27.42
N SER B 51 8.00 0.60 28.60
CA SER B 51 9.27 0.37 29.29
C SER B 51 9.43 -1.11 29.71
N ALA B 52 10.62 -1.66 29.46
CA ALA B 52 10.91 -3.06 29.78
C ALA B 52 10.91 -3.45 31.25
N ASN B 53 11.06 -2.48 32.15
CA ASN B 53 11.06 -2.77 33.58
C ASN B 53 9.65 -2.52 34.16
N SER B 54 8.69 -2.34 33.26
CA SER B 54 7.30 -2.12 33.64
C SER B 54 6.63 -3.48 33.54
N LYS B 55 6.76 -4.28 34.58
CA LYS B 55 6.19 -5.60 34.53
C LYS B 55 6.03 -6.21 35.91
N ILE B 56 5.09 -7.13 36.01
CA ILE B 56 4.81 -7.82 37.27
C ILE B 56 5.00 -9.32 37.07
N ARG B 57 5.74 -9.96 37.97
CA ARG B 57 5.97 -11.38 37.89
C ARG B 57 5.26 -12.10 39.02
N VAL B 58 4.33 -12.98 38.68
CA VAL B 58 3.62 -13.75 39.69
C VAL B 58 4.04 -15.20 39.54
N THR B 59 4.65 -15.75 40.59
CA THR B 59 5.11 -17.13 40.55
C THR B 59 4.17 -18.00 41.38
N GLN B 60 3.63 -19.02 40.73
CA GLN B 60 2.70 -19.96 41.34
C GLN B 60 3.38 -21.25 41.82
N ASN B 61 2.62 -22.16 42.41
CA ASN B 61 3.15 -23.41 42.94
C ASN B 61 3.69 -24.38 41.88
N GLN B 62 4.84 -24.98 42.18
CA GLN B 62 5.47 -25.92 41.26
C GLN B 62 4.82 -27.31 41.27
N ASN B 63 4.65 -27.87 40.08
CA ASN B 63 4.06 -29.21 39.90
C ASN B 63 5.24 -30.16 39.74
N ILE B 64 5.51 -30.93 40.78
CA ILE B 64 6.64 -31.85 40.79
C ILE B 64 6.54 -33.13 39.95
N ILE B 65 5.57 -33.98 40.28
CA ILE B 65 5.38 -35.25 39.59
C ILE B 65 4.40 -35.20 38.43
N PHE B 66 3.29 -34.49 38.61
CA PHE B 66 2.27 -34.40 37.59
C PHE B 66 2.18 -33.01 36.99
N ASN B 67 1.16 -32.80 36.16
CA ASN B 67 0.94 -31.50 35.53
C ASN B 67 -0.23 -30.83 36.21
N SER B 68 -0.03 -29.57 36.59
CA SER B 68 -1.08 -28.81 37.25
C SER B 68 -1.93 -28.15 36.18
N VAL B 69 -3.21 -28.51 36.16
CA VAL B 69 -4.14 -27.99 35.18
C VAL B 69 -5.45 -27.53 35.81
N PHE B 70 -6.15 -26.69 35.06
CA PHE B 70 -7.44 -26.16 35.47
C PHE B 70 -8.53 -26.90 34.68
N LEU B 71 -9.64 -27.18 35.36
CA LEU B 71 -10.78 -27.80 34.68
C LEU B 71 -11.65 -26.57 34.36
N ASP B 72 -12.17 -25.93 35.41
CA ASP B 72 -12.96 -24.71 35.23
C ASP B 72 -12.21 -23.60 35.94
N PHE B 73 -12.21 -22.41 35.37
CA PHE B 73 -11.51 -21.30 36.02
C PHE B 73 -11.93 -19.97 35.43
N SER B 74 -11.76 -18.91 36.22
CA SER B 74 -12.15 -17.58 35.79
C SER B 74 -11.13 -16.51 36.15
N VAL B 75 -11.08 -15.46 35.32
CA VAL B 75 -10.17 -14.34 35.51
C VAL B 75 -11.00 -13.06 35.54
N SER B 76 -10.73 -12.23 36.53
CA SER B 76 -11.47 -10.98 36.73
C SER B 76 -10.56 -9.75 36.88
N PHE B 77 -10.98 -8.62 36.32
CA PHE B 77 -10.18 -7.40 36.44
C PHE B 77 -10.84 -6.19 35.79
N TRP B 78 -10.34 -5.01 36.11
CA TRP B 78 -10.85 -3.77 35.54
C TRP B 78 -9.76 -3.26 34.65
N ILE B 79 -10.10 -2.61 33.54
CA ILE B 79 -9.09 -2.11 32.64
C ILE B 79 -9.50 -0.78 32.03
N ARG B 80 -8.50 0.01 31.63
CA ARG B 80 -8.75 1.31 31.01
C ARG B 80 -7.74 1.46 29.86
N ILE B 81 -8.23 1.29 28.65
CA ILE B 81 -7.42 1.34 27.45
C ILE B 81 -7.44 2.71 26.74
N PRO B 82 -6.28 3.37 26.66
CA PRO B 82 -6.24 4.67 26.00
C PRO B 82 -6.78 4.72 24.58
N LYS B 83 -7.25 5.90 24.21
CA LYS B 83 -7.79 6.13 22.88
C LYS B 83 -6.65 6.01 21.86
N TYR B 84 -7.01 5.63 20.65
CA TYR B 84 -6.07 5.50 19.54
C TYR B 84 -5.59 6.88 19.10
N LYS B 85 -4.37 6.94 18.58
CA LYS B 85 -3.81 8.19 18.08
C LYS B 85 -4.39 8.34 16.67
N ASN B 86 -5.05 9.47 16.39
CA ASN B 86 -5.65 9.70 15.08
C ASN B 86 -4.72 9.47 13.88
N ASP B 87 -3.41 9.63 14.09
CA ASP B 87 -2.46 9.42 13.00
C ASP B 87 -1.84 8.02 13.01
N GLY B 88 -2.08 7.27 14.08
CA GLY B 88 -1.55 5.92 14.17
C GLY B 88 -2.62 4.88 13.93
N ILE B 89 -3.72 5.31 13.32
CA ILE B 89 -4.86 4.43 13.02
C ILE B 89 -4.47 3.08 12.44
N GLN B 90 -3.29 3.02 11.81
CA GLN B 90 -2.81 1.79 11.19
C GLN B 90 -2.27 0.76 12.17
N ASN B 91 -1.23 1.15 12.89
CA ASN B 91 -0.61 0.25 13.86
C ASN B 91 -1.59 -0.14 14.96
N TYR B 92 -2.52 0.77 15.27
CA TYR B 92 -3.52 0.53 16.31
C TYR B 92 -4.36 -0.71 16.02
N ILE B 93 -5.08 -0.70 14.90
CA ILE B 93 -5.93 -1.83 14.57
C ILE B 93 -5.17 -3.06 14.09
N HIS B 94 -3.90 -2.88 13.72
CA HIS B 94 -3.09 -3.98 13.21
C HIS B 94 -2.09 -4.65 14.16
N ASN B 95 -1.52 -3.89 15.08
CA ASN B 95 -0.54 -4.45 16.01
C ASN B 95 -1.14 -5.04 17.28
N GLU B 96 -1.06 -6.35 17.40
CA GLU B 96 -1.57 -7.01 18.61
C GLU B 96 -0.44 -7.09 19.62
N TYR B 97 -0.73 -6.79 20.88
CA TYR B 97 0.29 -6.85 21.92
C TYR B 97 -0.23 -7.54 23.17
N THR B 98 0.49 -8.55 23.64
CA THR B 98 0.08 -9.26 24.84
C THR B 98 0.21 -8.32 26.04
N ILE B 99 -0.66 -8.51 27.03
CA ILE B 99 -0.60 -7.68 28.24
C ILE B 99 -0.40 -8.53 29.49
N ILE B 100 -0.94 -9.74 29.49
CA ILE B 100 -0.77 -10.65 30.62
C ILE B 100 -0.53 -12.03 30.02
N ASN B 101 0.55 -12.66 30.44
CA ASN B 101 0.90 -13.97 29.91
C ASN B 101 1.10 -14.99 31.03
N CYS B 102 0.54 -16.18 30.87
CA CYS B 102 0.70 -17.24 31.87
C CYS B 102 0.82 -18.56 31.16
N MET B 103 2.06 -19.02 30.99
CA MET B 103 2.29 -20.27 30.29
C MET B 103 3.48 -21.03 30.86
N LYS B 104 3.40 -22.34 30.75
CA LYS B 104 4.45 -23.25 31.20
C LYS B 104 4.46 -24.35 30.15
N ASN B 105 5.63 -24.68 29.63
CA ASN B 105 5.76 -25.69 28.59
C ASN B 105 4.94 -25.28 27.37
N ASN B 106 4.93 -23.98 27.11
CA ASN B 106 4.22 -23.40 25.97
C ASN B 106 2.72 -23.71 25.96
N SER B 107 2.14 -23.80 27.15
CA SER B 107 0.73 -24.06 27.31
C SER B 107 0.24 -23.17 28.44
N GLY B 108 -0.99 -22.69 28.34
CA GLY B 108 -1.54 -21.83 29.37
C GLY B 108 -2.53 -20.85 28.77
N TRP B 109 -2.54 -19.62 29.27
CA TRP B 109 -3.45 -18.61 28.75
C TRP B 109 -2.75 -17.27 28.62
N LYS B 110 -3.39 -16.33 27.93
CA LYS B 110 -2.83 -15.01 27.76
C LYS B 110 -3.93 -14.01 27.42
N ILE B 111 -3.74 -12.78 27.84
CA ILE B 111 -4.68 -11.71 27.57
C ILE B 111 -3.92 -10.71 26.70
N SER B 112 -4.46 -10.39 25.54
CA SER B 112 -3.80 -9.46 24.64
C SER B 112 -4.80 -8.49 24.05
N ILE B 113 -4.29 -7.53 23.30
CA ILE B 113 -5.12 -6.52 22.69
C ILE B 113 -4.66 -6.13 21.30
N ARG B 114 -5.63 -5.91 20.41
CA ARG B 114 -5.34 -5.47 19.06
C ARG B 114 -6.34 -4.34 18.83
N GLY B 115 -5.82 -3.11 18.93
CA GLY B 115 -6.66 -1.94 18.73
C GLY B 115 -7.76 -1.83 19.76
N ASN B 116 -9.01 -1.90 19.29
CA ASN B 116 -10.19 -1.80 20.14
C ASN B 116 -10.70 -3.18 20.56
N ARG B 117 -9.83 -4.19 20.43
CA ARG B 117 -10.21 -5.55 20.79
C ARG B 117 -9.38 -6.14 21.93
N ILE B 118 -10.07 -6.71 22.92
CA ILE B 118 -9.40 -7.35 24.06
C ILE B 118 -9.58 -8.84 23.84
N ILE B 119 -8.46 -9.56 23.78
CA ILE B 119 -8.45 -10.99 23.48
C ILE B 119 -8.00 -11.97 24.56
N TRP B 120 -8.75 -13.05 24.69
CA TRP B 120 -8.48 -14.13 25.65
C TRP B 120 -8.07 -15.33 24.82
N THR B 121 -6.93 -15.93 25.14
CA THR B 121 -6.47 -17.08 24.38
C THR B 121 -6.04 -18.24 25.26
N LEU B 122 -6.55 -19.42 24.93
CA LEU B 122 -6.23 -20.64 25.65
C LEU B 122 -5.32 -21.47 24.75
N ILE B 123 -4.20 -21.95 25.30
CA ILE B 123 -3.29 -22.78 24.53
C ILE B 123 -3.15 -24.12 25.24
N ASP B 124 -3.61 -25.20 24.62
CA ASP B 124 -3.51 -26.49 25.30
C ASP B 124 -2.16 -27.19 25.14
N ILE B 125 -2.05 -28.36 25.75
CA ILE B 125 -0.81 -29.13 25.73
C ILE B 125 -0.27 -29.49 24.33
N ASN B 126 -1.11 -29.45 23.30
CA ASN B 126 -0.66 -29.78 21.96
C ASN B 126 -0.32 -28.53 21.18
N GLY B 127 -0.42 -27.39 21.86
CA GLY B 127 -0.14 -26.14 21.19
C GLY B 127 -1.39 -25.64 20.50
N LYS B 128 -2.47 -26.38 20.65
CA LYS B 128 -3.73 -26.00 20.02
C LYS B 128 -4.28 -24.75 20.73
N THR B 129 -4.81 -23.82 19.94
CA THR B 129 -5.32 -22.56 20.45
C THR B 129 -6.81 -22.28 20.17
N LYS B 130 -7.41 -21.50 21.06
CA LYS B 130 -8.81 -21.08 20.95
C LYS B 130 -8.89 -19.70 21.60
N SER B 131 -9.56 -18.76 20.94
CA SER B 131 -9.70 -17.41 21.46
C SER B 131 -11.15 -16.95 21.56
N VAL B 132 -11.36 -15.96 22.42
CA VAL B 132 -12.67 -15.35 22.63
C VAL B 132 -12.32 -13.88 22.86
N PHE B 133 -13.07 -12.96 22.29
CA PHE B 133 -12.73 -11.55 22.44
C PHE B 133 -13.90 -10.58 22.55
N PHE B 134 -13.59 -9.37 23.01
CA PHE B 134 -14.57 -8.30 23.12
C PHE B 134 -14.01 -7.13 22.34
N GLU B 135 -14.84 -6.58 21.46
CA GLU B 135 -14.43 -5.45 20.64
C GLU B 135 -15.48 -4.35 20.74
N TYR B 136 -15.07 -3.15 21.12
CA TYR B 136 -16.00 -2.03 21.21
C TYR B 136 -15.83 -1.19 19.95
N ASN B 137 -16.91 -0.53 19.55
CA ASN B 137 -16.91 0.29 18.34
C ASN B 137 -16.02 1.54 18.43
N ILE B 138 -15.32 1.86 17.35
CA ILE B 138 -14.47 3.04 17.32
C ILE B 138 -14.97 4.07 16.33
N ARG B 139 -16.28 4.00 16.09
CA ARG B 139 -16.98 4.91 15.18
C ARG B 139 -18.26 5.23 15.93
N GLU B 140 -18.13 5.78 17.13
CA GLU B 140 -19.30 6.11 17.94
C GLU B 140 -19.16 7.52 18.50
N ASP B 141 -20.25 8.27 18.48
CA ASP B 141 -20.22 9.63 18.99
C ASP B 141 -19.59 9.68 20.38
N ILE B 142 -20.13 8.89 21.30
CA ILE B 142 -19.63 8.81 22.67
C ILE B 142 -19.50 7.35 23.09
N SER B 143 -18.27 6.91 23.34
CA SER B 143 -18.02 5.53 23.73
C SER B 143 -18.05 5.31 25.23
N GLU B 144 -18.66 4.22 25.65
CA GLU B 144 -18.73 3.90 27.08
C GLU B 144 -17.46 3.19 27.49
N TYR B 145 -16.60 2.91 26.52
CA TYR B 145 -15.38 2.16 26.79
C TYR B 145 -14.03 2.82 26.56
N ILE B 146 -13.83 3.38 25.37
CA ILE B 146 -12.56 4.00 25.04
C ILE B 146 -11.98 4.92 26.11
N ASN B 147 -10.93 4.45 26.76
CA ASN B 147 -10.22 5.19 27.80
C ASN B 147 -11.00 5.35 29.11
N ARG B 148 -12.02 4.51 29.30
CA ARG B 148 -12.83 4.57 30.50
C ARG B 148 -12.77 3.23 31.22
N TRP B 149 -12.65 3.26 32.54
CA TRP B 149 -12.58 2.02 33.30
C TRP B 149 -13.82 1.20 33.03
N PHE B 150 -13.64 -0.09 32.76
CA PHE B 150 -14.76 -0.99 32.58
C PHE B 150 -14.33 -2.35 33.15
N PHE B 151 -15.31 -3.10 33.66
CA PHE B 151 -15.13 -4.41 34.31
C PHE B 151 -15.09 -5.59 33.33
N VAL B 152 -14.06 -6.43 33.45
CA VAL B 152 -13.92 -7.60 32.59
C VAL B 152 -13.89 -8.89 33.41
N THR B 153 -14.46 -9.95 32.86
CA THR B 153 -14.43 -11.24 33.52
C THR B 153 -14.54 -12.31 32.46
N ILE B 154 -13.57 -13.22 32.49
CA ILE B 154 -13.53 -14.31 31.54
C ILE B 154 -13.74 -15.59 32.34
N THR B 155 -14.68 -16.43 31.91
CA THR B 155 -14.93 -17.68 32.60
C THR B 155 -14.72 -18.83 31.63
N ASN B 156 -14.21 -19.95 32.13
CA ASN B 156 -13.95 -21.12 31.31
C ASN B 156 -14.42 -22.41 31.97
N ASN B 157 -14.98 -23.29 31.17
CA ASN B 157 -15.37 -24.61 31.66
C ASN B 157 -14.90 -25.57 30.56
N LEU B 158 -15.27 -26.83 30.67
CA LEU B 158 -14.83 -27.81 29.70
C LEU B 158 -15.28 -27.51 28.27
N ASN B 159 -16.41 -26.83 28.11
CA ASN B 159 -16.96 -26.55 26.77
C ASN B 159 -16.96 -25.12 26.24
N ASN B 160 -17.05 -24.14 27.12
CA ASN B 160 -17.13 -22.75 26.68
C ASN B 160 -16.25 -21.74 27.40
N ALA B 161 -15.84 -20.71 26.66
CA ALA B 161 -15.03 -19.62 27.16
C ALA B 161 -15.89 -18.37 26.98
N LYS B 162 -16.24 -17.70 28.08
CA LYS B 162 -17.11 -16.52 28.00
C LYS B 162 -16.44 -15.22 28.44
N ILE B 163 -16.91 -14.09 27.90
CA ILE B 163 -16.37 -12.79 28.29
C ILE B 163 -17.49 -11.86 28.73
N TYR B 164 -17.44 -11.44 29.99
CA TYR B 164 -18.44 -10.52 30.51
C TYR B 164 -17.85 -9.13 30.65
N ILE B 165 -18.61 -8.12 30.22
CA ILE B 165 -18.19 -6.73 30.35
C ILE B 165 -19.20 -6.04 31.25
N ASN B 166 -18.71 -5.43 32.33
CA ASN B 166 -19.56 -4.75 33.30
C ASN B 166 -20.72 -5.62 33.78
N GLY B 167 -20.44 -6.91 33.96
CA GLY B 167 -21.45 -7.85 34.45
C GLY B 167 -22.30 -8.51 33.39
N LYS B 168 -22.18 -8.10 32.14
CA LYS B 168 -23.01 -8.67 31.10
C LYS B 168 -22.25 -9.54 30.11
N LEU B 169 -22.89 -10.64 29.72
CA LEU B 169 -22.29 -11.58 28.78
C LEU B 169 -22.18 -10.89 27.43
N GLU B 170 -20.97 -10.88 26.88
CA GLU B 170 -20.72 -10.25 25.59
C GLU B 170 -20.28 -11.23 24.53
N SER B 171 -19.38 -12.13 24.89
CA SER B 171 -18.85 -13.12 23.95
C SER B 171 -18.86 -14.54 24.48
N ASN B 172 -18.84 -15.49 23.54
CA ASN B 172 -18.84 -16.90 23.89
C ASN B 172 -18.26 -17.74 22.76
N THR B 173 -17.22 -18.52 23.08
CA THR B 173 -16.57 -19.39 22.09
C THR B 173 -16.54 -20.83 22.60
N ASP B 174 -16.97 -21.77 21.76
CA ASP B 174 -16.98 -23.17 22.16
C ASP B 174 -15.54 -23.66 22.13
N ILE B 175 -15.08 -24.22 23.23
CA ILE B 175 -13.72 -24.71 23.30
C ILE B 175 -13.66 -26.22 23.55
N LYS B 176 -14.73 -26.93 23.17
CA LYS B 176 -14.81 -28.38 23.36
C LYS B 176 -13.64 -29.13 22.71
N ASP B 177 -13.09 -28.57 21.65
CA ASP B 177 -11.99 -29.21 20.94
C ASP B 177 -10.64 -29.02 21.61
N ILE B 178 -10.54 -28.06 22.53
CA ILE B 178 -9.30 -27.78 23.24
C ILE B 178 -9.09 -28.82 24.36
N ARG B 179 -7.84 -29.17 24.65
CA ARG B 179 -7.55 -30.16 25.69
C ARG B 179 -6.87 -29.60 26.93
N GLU B 180 -5.80 -30.27 27.36
CA GLU B 180 -5.06 -29.87 28.55
C GLU B 180 -4.43 -28.48 28.48
N VAL B 181 -4.73 -27.64 29.46
CA VAL B 181 -4.18 -26.30 29.56
C VAL B 181 -3.41 -26.16 30.90
N ILE B 182 -2.09 -26.13 30.82
CA ILE B 182 -1.26 -26.02 32.01
C ILE B 182 -1.54 -24.69 32.70
N ALA B 183 -1.72 -24.74 34.01
CA ALA B 183 -2.10 -23.54 34.75
C ALA B 183 -1.14 -22.92 35.75
N ASN B 184 -0.08 -23.62 36.15
CA ASN B 184 0.82 -23.05 37.14
C ASN B 184 2.04 -22.31 36.62
N GLY B 185 2.00 -21.88 35.36
CA GLY B 185 3.14 -21.15 34.83
C GLY B 185 3.21 -19.80 35.52
N GLU B 186 4.26 -19.04 35.26
CA GLU B 186 4.39 -17.72 35.87
C GLU B 186 3.40 -16.79 35.19
N ILE B 187 2.91 -15.82 35.92
CA ILE B 187 1.98 -14.86 35.33
C ILE B 187 2.79 -13.59 35.09
N ILE B 188 2.90 -13.18 33.83
CA ILE B 188 3.67 -11.99 33.51
C ILE B 188 2.78 -10.85 33.03
N PHE B 189 2.80 -9.75 33.77
CA PHE B 189 2.04 -8.56 33.40
C PHE B 189 3.04 -7.64 32.70
N LYS B 190 2.91 -7.48 31.39
CA LYS B 190 3.83 -6.63 30.63
C LYS B 190 3.29 -6.42 29.23
N LEU B 191 3.49 -5.24 28.66
CA LEU B 191 3.04 -4.98 27.31
C LEU B 191 4.08 -5.67 26.43
N ASP B 192 3.67 -6.72 25.72
CA ASP B 192 4.59 -7.47 24.89
C ASP B 192 4.25 -7.49 23.41
N GLY B 193 5.09 -6.85 22.61
CA GLY B 193 4.85 -6.80 21.19
C GLY B 193 5.27 -5.47 20.58
N ASP B 194 4.95 -5.26 19.31
CA ASP B 194 5.31 -4.03 18.61
C ASP B 194 4.29 -2.94 18.88
N ILE B 195 4.53 -2.16 19.93
CA ILE B 195 3.61 -1.09 20.31
C ILE B 195 4.24 0.28 20.20
N ASP B 196 3.39 1.29 20.12
CA ASP B 196 3.82 2.67 20.07
C ASP B 196 4.60 2.89 21.35
N ARG B 197 5.54 3.82 21.33
CA ARG B 197 6.37 4.11 22.49
C ARG B 197 5.60 4.68 23.68
N THR B 198 4.47 5.34 23.39
CA THR B 198 3.66 5.96 24.44
C THR B 198 2.52 5.08 24.95
N GLN B 199 2.26 3.97 24.26
CA GLN B 199 1.21 3.03 24.64
C GLN B 199 1.30 2.67 26.12
N PHE B 200 0.13 2.50 26.75
CA PHE B 200 0.08 2.14 28.16
C PHE B 200 -1.26 1.50 28.52
N ILE B 201 -1.32 0.84 29.66
CA ILE B 201 -2.56 0.20 30.11
C ILE B 201 -2.70 0.36 31.60
N TRP B 202 -3.92 0.59 32.05
CA TRP B 202 -4.23 0.73 33.46
C TRP B 202 -5.08 -0.48 33.81
N MET B 203 -4.79 -1.11 34.94
CA MET B 203 -5.55 -2.28 35.38
C MET B 203 -5.84 -2.18 36.84
N LYS B 204 -6.83 -2.95 37.32
CA LYS B 204 -7.21 -2.89 38.72
C LYS B 204 -7.92 -4.18 39.18
N TYR B 205 -7.70 -4.54 40.44
CA TYR B 205 -8.32 -5.72 41.05
C TYR B 205 -8.14 -7.05 40.30
N PHE B 206 -6.96 -7.31 39.79
CA PHE B 206 -6.77 -8.56 39.07
C PHE B 206 -6.90 -9.75 40.01
N SER B 207 -7.73 -10.72 39.63
CA SER B 207 -7.95 -11.90 40.44
C SER B 207 -8.27 -13.13 39.61
N ILE B 208 -8.04 -14.31 40.19
CA ILE B 208 -8.29 -15.57 39.50
C ILE B 208 -9.06 -16.56 40.39
N PHE B 209 -9.93 -17.36 39.77
CA PHE B 209 -10.73 -18.34 40.49
C PHE B 209 -10.64 -19.68 39.78
N ASN B 210 -10.65 -20.77 40.56
CA ASN B 210 -10.58 -22.11 39.97
C ASN B 210 -11.96 -22.73 39.79
N THR B 211 -12.89 -21.92 39.31
CA THR B 211 -14.25 -22.37 39.05
C THR B 211 -14.82 -21.46 37.98
N GLU B 212 -15.96 -21.85 37.42
CA GLU B 212 -16.62 -21.02 36.41
C GLU B 212 -17.57 -20.14 37.20
N LEU B 213 -17.29 -18.83 37.23
CA LEU B 213 -18.14 -17.90 37.96
C LEU B 213 -19.48 -17.71 37.25
N SER B 214 -20.57 -17.63 38.04
CA SER B 214 -21.91 -17.44 37.50
C SER B 214 -22.11 -15.98 37.13
N GLN B 215 -23.10 -15.72 36.27
CA GLN B 215 -23.40 -14.35 35.85
C GLN B 215 -23.82 -13.54 37.08
N SER B 216 -24.59 -14.16 37.97
CA SER B 216 -25.05 -13.49 39.18
C SER B 216 -23.87 -13.11 40.11
N ASN B 217 -22.89 -13.99 40.22
CA ASN B 217 -21.71 -13.73 41.06
C ASN B 217 -20.90 -12.58 40.44
N ILE B 218 -20.75 -12.59 39.13
CA ILE B 218 -20.02 -11.55 38.43
C ILE B 218 -20.72 -10.20 38.62
N GLU B 219 -22.03 -10.20 38.44
CA GLU B 219 -22.85 -9.00 38.61
C GLU B 219 -22.59 -8.40 39.99
N GLU B 220 -22.58 -9.28 41.00
CA GLU B 220 -22.34 -8.86 42.37
C GLU B 220 -20.97 -8.19 42.50
N ARG B 221 -19.94 -8.88 42.02
CA ARG B 221 -18.59 -8.36 42.09
C ARG B 221 -18.53 -7.03 41.36
N TYR B 222 -19.26 -6.91 40.25
CA TYR B 222 -19.29 -5.67 39.49
C TYR B 222 -19.80 -4.54 40.37
N LYS B 223 -20.92 -4.78 41.04
CA LYS B 223 -21.54 -3.81 41.94
C LYS B 223 -20.64 -3.46 43.12
N ILE B 224 -20.10 -4.47 43.77
CA ILE B 224 -19.24 -4.25 44.91
C ILE B 224 -17.98 -3.46 44.56
N GLN B 225 -17.31 -3.84 43.48
CA GLN B 225 -16.09 -3.14 43.09
C GLN B 225 -16.36 -1.75 42.50
N SER B 226 -17.60 -1.49 42.12
CA SER B 226 -17.97 -0.19 41.58
C SER B 226 -18.38 0.77 42.68
N TYR B 227 -18.52 0.23 43.88
CA TYR B 227 -18.93 1.01 45.04
C TYR B 227 -17.86 1.93 45.63
N SER B 228 -18.29 3.13 46.04
CA SER B 228 -17.41 4.12 46.63
C SER B 228 -18.25 5.26 47.19
N GLU B 229 -17.77 5.88 48.26
CA GLU B 229 -18.48 6.99 48.88
C GLU B 229 -18.37 8.20 47.96
N TYR B 230 -17.28 8.28 47.22
CA TYR B 230 -17.04 9.38 46.32
C TYR B 230 -17.60 9.11 44.93
N LEU B 231 -17.89 10.19 44.22
CA LEU B 231 -18.42 10.11 42.86
C LEU B 231 -17.24 9.96 41.91
N LYS B 232 -17.51 9.62 40.66
CA LYS B 232 -16.44 9.45 39.68
C LYS B 232 -16.55 10.45 38.55
N ASP B 233 -15.50 10.58 37.74
CA ASP B 233 -15.55 11.49 36.61
C ASP B 233 -15.85 10.65 35.37
N PHE B 234 -15.79 11.27 34.20
CA PHE B 234 -16.08 10.61 32.93
C PHE B 234 -15.24 9.34 32.67
N TRP B 235 -13.99 9.37 33.10
CA TRP B 235 -13.07 8.26 32.87
C TRP B 235 -13.23 7.12 33.86
N GLY B 236 -13.95 7.39 34.94
CA GLY B 236 -14.18 6.38 35.96
C GLY B 236 -13.26 6.55 37.17
N ASN B 237 -12.58 7.68 37.24
CA ASN B 237 -11.68 7.95 38.37
C ASN B 237 -12.43 8.84 39.35
N PRO B 238 -11.88 9.02 40.57
CA PRO B 238 -12.54 9.86 41.57
C PRO B 238 -12.78 11.30 41.13
N LEU B 239 -14.01 11.78 41.34
CA LEU B 239 -14.36 13.15 41.00
C LEU B 239 -13.65 14.01 42.05
N MET B 240 -12.95 15.05 41.60
CA MET B 240 -12.20 15.90 42.51
C MET B 240 -12.62 17.36 42.53
N TYR B 241 -12.46 18.00 43.69
CA TYR B 241 -12.77 19.41 43.85
C TYR B 241 -11.58 20.18 43.28
N ASN B 242 -11.83 21.38 42.78
CA ASN B 242 -10.77 22.24 42.26
C ASN B 242 -9.99 21.66 41.08
N LYS B 243 -10.69 20.91 40.24
CA LYS B 243 -10.09 20.31 39.06
C LYS B 243 -10.92 20.74 37.86
N GLU B 244 -10.27 21.14 36.78
CA GLU B 244 -10.98 21.58 35.59
C GLU B 244 -11.69 20.44 34.88
N TYR B 245 -12.99 20.63 34.65
CA TYR B 245 -13.80 19.62 33.99
C TYR B 245 -14.70 20.22 32.92
N TYR B 246 -14.85 19.51 31.80
CA TYR B 246 -15.77 19.91 30.77
C TYR B 246 -17.00 19.12 31.22
N MET B 247 -18.19 19.57 30.87
CA MET B 247 -19.39 18.85 31.30
C MET B 247 -20.09 18.09 30.19
N PHE B 248 -20.41 16.84 30.50
CA PHE B 248 -21.07 15.92 29.59
C PHE B 248 -22.46 15.64 30.12
N ASN B 249 -23.43 15.52 29.21
CA ASN B 249 -24.81 15.23 29.61
C ASN B 249 -25.22 13.88 29.02
N ALA B 250 -25.52 12.94 29.90
CA ALA B 250 -25.91 11.60 29.49
C ALA B 250 -27.14 11.61 28.61
N GLY B 251 -28.09 12.50 28.94
CA GLY B 251 -29.32 12.59 28.16
C GLY B 251 -29.16 13.22 26.79
N ASN B 252 -28.12 14.04 26.62
CA ASN B 252 -27.84 14.70 25.34
C ASN B 252 -26.35 14.58 25.10
N LYS B 253 -25.89 13.35 24.88
CA LYS B 253 -24.48 13.05 24.67
C LYS B 253 -23.72 13.98 23.72
N ASN B 254 -24.36 14.38 22.62
CA ASN B 254 -23.70 15.25 21.66
C ASN B 254 -23.83 16.76 21.91
N SER B 255 -24.38 17.14 23.05
CA SER B 255 -24.54 18.57 23.36
C SER B 255 -23.53 19.02 24.41
N TYR B 256 -23.24 20.32 24.43
CA TYR B 256 -22.32 20.90 25.41
C TYR B 256 -22.75 22.31 25.79
N ILE B 257 -22.23 22.83 26.90
CA ILE B 257 -22.61 24.15 27.41
C ILE B 257 -21.64 25.28 27.01
N LYS B 258 -22.22 26.42 26.62
CA LYS B 258 -21.43 27.60 26.22
C LYS B 258 -22.17 28.87 26.65
N LEU B 259 -21.51 29.73 27.43
CA LEU B 259 -22.15 30.97 27.86
C LEU B 259 -22.60 31.72 26.61
N LYS B 260 -23.82 32.28 26.63
CA LYS B 260 -24.31 33.03 25.47
C LYS B 260 -23.57 34.35 25.38
N LYS B 261 -23.58 34.95 24.20
CA LYS B 261 -22.87 36.21 24.00
C LYS B 261 -23.74 37.45 24.22
N ASP B 262 -25.03 37.24 24.45
CA ASP B 262 -25.94 38.35 24.67
C ASP B 262 -26.69 38.26 25.99
N SER B 263 -26.43 37.19 26.74
CA SER B 263 -27.12 37.01 28.02
C SER B 263 -26.36 36.13 29.00
N PRO B 264 -26.61 36.32 30.31
CA PRO B 264 -25.96 35.53 31.35
C PRO B 264 -26.55 34.13 31.50
N VAL B 265 -26.56 33.38 30.40
CA VAL B 265 -27.10 32.03 30.44
C VAL B 265 -26.27 31.10 29.59
N GLY B 266 -26.43 29.80 29.84
CA GLY B 266 -25.69 28.82 29.07
C GLY B 266 -26.57 28.27 27.98
N GLU B 267 -26.12 28.38 26.74
CA GLU B 267 -26.91 27.83 25.63
C GLU B 267 -26.31 26.46 25.36
N ILE B 268 -27.03 25.60 24.66
CA ILE B 268 -26.54 24.25 24.37
C ILE B 268 -26.20 24.07 22.90
N LEU B 269 -24.94 23.75 22.62
CA LEU B 269 -24.47 23.56 21.25
C LEU B 269 -24.10 22.10 20.98
N THR B 270 -23.95 21.77 19.70
CA THR B 270 -23.62 20.41 19.27
C THR B 270 -22.13 20.18 19.14
N ARG B 271 -21.68 19.06 19.70
CA ARG B 271 -20.27 18.69 19.65
C ARG B 271 -19.81 18.49 18.21
N SER B 272 -18.61 18.98 17.90
CA SER B 272 -18.05 18.83 16.57
C SER B 272 -17.55 17.38 16.46
N LYS B 273 -17.62 16.81 15.26
CA LYS B 273 -17.17 15.43 15.08
C LYS B 273 -15.81 15.36 14.36
N TYR B 274 -15.24 14.16 14.34
CA TYR B 274 -13.95 13.92 13.68
C TYR B 274 -14.12 14.43 12.25
N ASN B 275 -13.48 15.56 11.96
CA ASN B 275 -13.57 16.20 10.65
C ASN B 275 -13.26 15.34 9.44
N GLN B 276 -12.77 14.13 9.66
CA GLN B 276 -12.44 13.24 8.56
C GLN B 276 -13.34 12.01 8.58
N ASN B 277 -13.60 11.43 7.41
CA ASN B 277 -14.45 10.25 7.34
C ASN B 277 -13.61 9.01 7.04
N SER B 278 -13.16 8.36 8.10
CA SER B 278 -12.35 7.15 7.95
C SER B 278 -13.27 5.95 7.90
N LYS B 279 -12.80 4.88 7.27
CA LYS B 279 -13.59 3.66 7.22
C LYS B 279 -13.46 2.97 8.56
N TYR B 280 -12.60 3.52 9.42
CA TYR B 280 -12.35 2.93 10.72
C TYR B 280 -12.82 3.77 11.93
N ILE B 281 -12.40 5.03 12.02
CA ILE B 281 -12.77 5.86 13.17
C ILE B 281 -13.71 7.05 12.97
N ASN B 282 -14.24 7.53 14.10
CA ASN B 282 -15.15 8.67 14.16
C ASN B 282 -15.54 8.88 15.62
N TYR B 283 -15.57 10.13 16.06
CA TYR B 283 -15.92 10.43 17.45
C TYR B 283 -16.28 11.90 17.61
N ARG B 284 -16.87 12.23 18.75
CA ARG B 284 -17.24 13.61 19.04
C ARG B 284 -16.20 14.18 20.01
N ASP B 285 -15.83 15.44 19.82
CA ASP B 285 -14.85 16.06 20.70
C ASP B 285 -15.40 16.16 22.11
N LEU B 286 -14.51 15.99 23.08
CA LEU B 286 -14.87 16.02 24.48
C LEU B 286 -14.37 17.23 25.22
N TYR B 287 -13.26 17.81 24.76
CA TYR B 287 -12.69 18.98 25.42
C TYR B 287 -13.27 20.24 24.80
N ILE B 288 -14.57 20.43 24.98
CA ILE B 288 -15.26 21.57 24.42
C ILE B 288 -16.30 22.12 25.40
N GLY B 289 -16.67 23.38 25.23
CA GLY B 289 -17.63 23.98 26.12
C GLY B 289 -16.89 24.66 27.26
N GLU B 290 -17.63 25.31 28.14
CA GLU B 290 -17.01 26.00 29.27
C GLU B 290 -16.18 25.07 30.15
N LYS B 291 -15.14 25.64 30.77
CA LYS B 291 -14.28 24.87 31.66
C LYS B 291 -14.83 25.09 33.08
N PHE B 292 -15.51 24.09 33.62
CA PHE B 292 -16.08 24.22 34.96
C PHE B 292 -15.11 23.74 36.02
N ILE B 293 -15.39 24.13 37.26
CA ILE B 293 -14.55 23.72 38.38
C ILE B 293 -15.44 23.58 39.61
N ILE B 294 -15.20 22.53 40.40
CA ILE B 294 -16.02 22.28 41.58
C ILE B 294 -15.36 22.80 42.84
N ARG B 295 -16.05 23.68 43.55
CA ARG B 295 -15.54 24.25 44.79
C ARG B 295 -16.36 23.72 45.96
N ARG B 296 -15.69 23.44 47.07
CA ARG B 296 -16.37 22.95 48.27
C ARG B 296 -17.13 24.11 48.90
N LYS B 297 -18.34 23.83 49.39
CA LYS B 297 -19.16 24.85 50.01
C LYS B 297 -18.37 25.55 51.12
N SER B 298 -18.48 25.04 52.35
CA SER B 298 -17.78 25.64 53.48
C SER B 298 -16.49 24.88 53.78
N ASN B 299 -15.97 25.03 54.99
CA ASN B 299 -14.75 24.35 55.41
C ASN B 299 -13.67 24.40 54.32
N SER B 300 -12.98 25.53 54.23
CA SER B 300 -11.93 25.70 53.23
C SER B 300 -10.53 25.66 53.85
N GLN B 301 -9.94 24.47 53.87
CA GLN B 301 -8.59 24.29 54.43
C GLN B 301 -7.57 24.39 53.31
N SER B 302 -7.29 25.62 52.86
CA SER B 302 -6.33 25.84 51.78
C SER B 302 -6.76 25.00 50.58
N ILE B 303 -8.06 25.02 50.30
CA ILE B 303 -8.66 24.27 49.20
C ILE B 303 -7.82 24.30 47.91
N ASN B 304 -6.99 23.27 47.74
CA ASN B 304 -6.15 23.14 46.56
C ASN B 304 -6.71 22.03 45.68
N ASP B 305 -7.45 21.12 46.31
CA ASP B 305 -8.09 20.00 45.64
C ASP B 305 -8.58 19.02 46.70
N ASP B 306 -9.34 18.01 46.28
CA ASP B 306 -9.86 16.99 47.19
C ASP B 306 -10.83 16.06 46.49
N ILE B 307 -11.49 15.19 47.24
CA ILE B 307 -12.42 14.23 46.67
C ILE B 307 -13.89 14.55 46.93
N VAL B 308 -14.65 14.67 45.84
CA VAL B 308 -16.07 14.97 45.91
C VAL B 308 -16.83 13.71 46.31
N ARG B 309 -17.71 13.84 47.29
CA ARG B 309 -18.49 12.70 47.77
C ARG B 309 -19.99 12.95 47.71
N LYS B 310 -20.74 11.87 47.60
CA LYS B 310 -22.19 11.94 47.54
C LYS B 310 -22.76 12.85 48.62
N GLU B 311 -23.82 13.57 48.27
CA GLU B 311 -24.51 14.49 49.17
C GLU B 311 -23.74 15.75 49.54
N ASP B 312 -22.53 15.91 49.02
CA ASP B 312 -21.74 17.10 49.30
C ASP B 312 -22.41 18.37 48.79
N TYR B 313 -22.21 19.47 49.51
CA TYR B 313 -22.77 20.75 49.09
C TYR B 313 -21.62 21.45 48.37
N ILE B 314 -21.88 21.91 47.16
CA ILE B 314 -20.85 22.55 46.36
C ILE B 314 -21.30 23.81 45.65
N TYR B 315 -20.34 24.47 45.03
CA TYR B 315 -20.58 25.65 44.21
C TYR B 315 -20.08 25.15 42.85
N LEU B 316 -20.89 25.30 41.81
CA LEU B 316 -20.46 24.89 40.48
C LEU B 316 -19.96 26.13 39.77
N ASP B 317 -18.65 26.25 39.63
CA ASP B 317 -18.04 27.40 38.97
C ASP B 317 -17.44 27.04 37.60
N PHE B 318 -17.01 28.06 36.88
CA PHE B 318 -16.40 27.88 35.57
C PHE B 318 -15.62 29.15 35.23
N PHE B 319 -14.58 29.01 34.41
CA PHE B 319 -13.76 30.16 34.05
C PHE B 319 -14.25 30.89 32.81
N ASN B 320 -14.45 32.20 32.96
CA ASN B 320 -14.87 33.03 31.84
C ASN B 320 -13.74 34.01 31.63
N LEU B 321 -13.03 33.84 30.52
CA LEU B 321 -11.89 34.69 30.23
C LEU B 321 -10.97 34.54 31.44
N ASN B 322 -10.62 35.64 32.08
CA ASN B 322 -9.77 35.56 33.27
C ASN B 322 -10.53 35.73 34.57
N GLN B 323 -11.76 35.23 34.60
CA GLN B 323 -12.61 35.32 35.79
C GLN B 323 -13.22 33.97 36.11
N GLU B 324 -13.56 33.77 37.39
CA GLU B 324 -14.22 32.53 37.79
C GLU B 324 -15.67 32.88 38.09
N TRP B 325 -16.57 32.40 37.24
CA TRP B 325 -17.98 32.66 37.41
C TRP B 325 -18.68 31.51 38.13
N ARG B 326 -19.96 31.68 38.39
CA ARG B 326 -20.70 30.66 39.12
C ARG B 326 -22.07 30.37 38.52
N VAL B 327 -22.57 29.17 38.78
CA VAL B 327 -23.88 28.74 38.29
C VAL B 327 -24.91 28.97 39.40
N TYR B 328 -25.89 29.82 39.15
CA TYR B 328 -26.94 30.15 40.12
C TYR B 328 -28.33 29.90 39.54
N THR B 329 -29.33 30.04 40.39
CA THR B 329 -30.72 29.93 39.96
C THR B 329 -31.54 30.95 40.74
N TYR B 330 -32.35 31.74 40.04
CA TYR B 330 -33.17 32.75 40.69
C TYR B 330 -34.11 32.07 41.68
N LYS B 331 -34.35 32.71 42.81
CA LYS B 331 -35.24 32.15 43.82
C LYS B 331 -36.71 32.37 43.49
N TYR B 332 -37.00 32.93 42.32
CA TYR B 332 -38.38 33.21 41.98
C TYR B 332 -38.89 32.88 40.57
N PHE B 333 -38.61 31.68 40.07
CA PHE B 333 -39.10 31.30 38.74
C PHE B 333 -40.42 30.52 38.83
N LYS B 334 -41.38 30.88 37.98
CA LYS B 334 -42.70 30.26 37.99
C LYS B 334 -42.92 29.11 37.00
N LYS B 335 -42.20 29.10 35.89
CA LYS B 335 -42.37 28.03 34.91
C LYS B 335 -41.83 26.71 35.47
N GLU B 336 -42.13 25.60 34.79
CA GLU B 336 -41.67 24.29 35.28
C GLU B 336 -40.14 24.28 35.30
N GLU B 337 -39.53 24.98 34.35
CA GLU B 337 -38.09 25.06 34.29
C GLU B 337 -37.62 26.34 33.60
N GLU B 338 -36.60 26.97 34.17
CA GLU B 338 -36.05 28.19 33.61
C GLU B 338 -34.55 28.01 33.38
N LYS B 339 -33.92 29.01 32.79
CA LYS B 339 -32.50 28.96 32.51
C LYS B 339 -31.68 29.29 33.74
N LEU B 340 -30.53 28.65 33.89
CA LEU B 340 -29.67 28.94 35.03
C LEU B 340 -29.04 30.30 34.80
N PHE B 341 -28.55 30.91 35.87
CA PHE B 341 -27.93 32.23 35.79
C PHE B 341 -26.43 32.12 36.00
N LEU B 342 -25.68 32.50 34.97
CA LEU B 342 -24.22 32.44 35.00
C LEU B 342 -23.64 33.85 35.13
N ALA B 343 -23.03 34.12 36.29
CA ALA B 343 -22.46 35.44 36.54
C ALA B 343 -21.32 35.33 37.55
N PRO B 344 -20.54 36.41 37.74
CA PRO B 344 -19.42 36.40 38.68
C PRO B 344 -19.89 35.99 40.06
N ILE B 345 -18.95 35.66 40.93
CA ILE B 345 -19.29 35.26 42.29
C ILE B 345 -19.82 36.43 43.10
N SER B 346 -20.98 36.24 43.70
CA SER B 346 -21.63 37.26 44.51
C SER B 346 -22.48 36.54 45.54
N ASP B 347 -23.03 37.28 46.51
CA ASP B 347 -23.84 36.67 47.54
C ASP B 347 -25.28 37.20 47.55
N SER B 348 -25.72 37.74 46.42
CA SER B 348 -27.08 38.27 46.31
C SER B 348 -28.13 37.41 46.99
N ASP B 349 -29.24 38.03 47.36
CA ASP B 349 -30.35 37.34 48.01
C ASP B 349 -31.37 36.95 46.94
N GLU B 350 -31.16 37.46 45.73
CA GLU B 350 -32.06 37.17 44.61
C GLU B 350 -31.95 35.77 44.02
N PHE B 351 -30.99 34.98 44.49
CA PHE B 351 -30.86 33.63 43.95
C PHE B 351 -30.08 32.62 44.78
N TYR B 352 -30.24 31.35 44.41
CA TYR B 352 -29.60 30.23 45.08
C TYR B 352 -28.22 29.92 44.48
N ASN B 353 -27.24 29.74 45.35
CA ASN B 353 -25.87 29.46 44.93
C ASN B 353 -25.33 28.10 45.37
N THR B 354 -26.09 27.37 46.18
CA THR B 354 -25.61 26.09 46.69
C THR B 354 -26.19 24.83 46.06
N ILE B 355 -25.29 23.98 45.58
CA ILE B 355 -25.68 22.74 44.94
C ILE B 355 -25.33 21.52 45.79
N GLN B 356 -26.20 20.52 45.75
CA GLN B 356 -25.95 19.27 46.47
C GLN B 356 -25.83 18.20 45.37
N ILE B 357 -24.61 17.70 45.17
CA ILE B 357 -24.38 16.68 44.16
C ILE B 357 -24.90 15.34 44.65
N LYS B 358 -25.75 14.69 43.85
CA LYS B 358 -26.36 13.43 44.22
C LYS B 358 -26.06 12.28 43.26
N GLU B 359 -26.56 11.10 43.63
CA GLU B 359 -26.44 9.89 42.83
C GLU B 359 -27.73 9.11 43.01
N TYR B 360 -28.74 9.46 42.21
CA TYR B 360 -30.04 8.81 42.28
C TYR B 360 -30.05 7.40 41.70
N ASP B 361 -29.13 7.12 40.78
CA ASP B 361 -29.09 5.81 40.16
C ASP B 361 -28.80 4.71 41.19
N GLU B 362 -29.46 3.57 41.03
CA GLU B 362 -29.24 2.45 41.94
C GLU B 362 -28.16 1.54 41.39
N GLN B 363 -27.99 1.57 40.07
CA GLN B 363 -26.98 0.76 39.40
C GLN B 363 -25.70 1.57 39.26
N PRO B 364 -24.57 0.88 39.06
CA PRO B 364 -23.27 1.56 38.91
C PRO B 364 -23.26 2.51 37.71
N THR B 365 -22.79 3.73 37.94
CA THR B 365 -22.71 4.73 36.88
C THR B 365 -21.65 5.78 37.16
N TYR B 366 -21.33 6.59 36.16
CA TYR B 366 -20.37 7.67 36.36
C TYR B 366 -21.11 8.98 36.32
N SER B 367 -22.42 8.90 36.11
CA SER B 367 -23.25 10.10 36.08
C SER B 367 -23.69 10.45 37.49
N CYS B 368 -23.85 11.74 37.74
CA CYS B 368 -24.31 12.23 39.02
C CYS B 368 -25.42 13.24 38.73
N GLN B 369 -26.08 13.73 39.77
CA GLN B 369 -27.12 14.72 39.58
C GLN B 369 -26.77 15.95 40.41
N LEU B 370 -27.31 17.09 40.02
CA LEU B 370 -27.04 18.34 40.70
C LEU B 370 -28.36 18.95 41.16
N LEU B 371 -28.54 19.00 42.48
CA LEU B 371 -29.76 19.50 43.08
C LEU B 371 -29.64 20.83 43.83
N PHE B 372 -30.57 21.73 43.54
CA PHE B 372 -30.62 23.03 44.21
C PHE B 372 -31.63 22.92 45.35
N LYS B 373 -31.24 23.37 46.55
CA LYS B 373 -32.15 23.36 47.70
C LYS B 373 -32.15 24.73 48.37
N LYS B 374 -33.15 24.97 49.21
CA LYS B 374 -33.24 26.23 49.94
C LYS B 374 -31.92 26.41 50.66
N ASP B 375 -31.55 25.37 51.41
CA ASP B 375 -30.29 25.33 52.15
C ASP B 375 -30.12 23.89 52.61
N GLU B 376 -29.21 23.64 53.55
CA GLU B 376 -28.97 22.29 54.04
C GLU B 376 -30.12 21.81 54.93
N GLU B 377 -30.44 22.60 55.95
CA GLU B 377 -31.51 22.28 56.90
C GLU B 377 -32.81 21.87 56.20
N SER B 378 -33.25 22.69 55.25
CA SER B 378 -34.49 22.45 54.53
C SER B 378 -34.56 21.12 53.78
N THR B 379 -35.79 20.71 53.51
CA THR B 379 -36.05 19.47 52.78
C THR B 379 -36.80 19.88 51.52
N ASP B 380 -36.90 21.19 51.32
CA ASP B 380 -37.58 21.73 50.15
C ASP B 380 -36.54 21.75 49.03
N GLU B 381 -36.89 21.11 47.91
CA GLU B 381 -35.99 21.06 46.78
C GLU B 381 -36.45 22.01 45.70
N ILE B 382 -35.54 22.82 45.19
CA ILE B 382 -35.86 23.78 44.14
C ILE B 382 -35.99 23.01 42.83
N GLY B 383 -34.91 22.31 42.44
CA GLY B 383 -34.94 21.54 41.21
C GLY B 383 -33.60 20.93 40.87
N LEU B 384 -33.55 20.22 39.75
CA LEU B 384 -32.32 19.59 39.28
C LEU B 384 -31.80 20.29 38.03
N ILE B 385 -30.48 20.37 37.91
CA ILE B 385 -29.85 20.99 36.74
C ILE B 385 -29.93 20.04 35.55
N GLY B 386 -30.29 20.58 34.38
CA GLY B 386 -30.37 19.74 33.21
C GLY B 386 -30.33 20.56 31.93
N ILE B 387 -30.86 19.99 30.87
CA ILE B 387 -30.92 20.63 29.57
C ILE B 387 -32.37 20.49 29.12
N HIS B 388 -32.94 21.59 28.65
CA HIS B 388 -34.33 21.59 28.20
C HIS B 388 -34.49 22.47 26.98
N ARG B 389 -35.46 22.13 26.14
CA ARG B 389 -35.69 22.92 24.94
C ARG B 389 -36.77 23.95 25.21
N PHE B 390 -36.42 25.22 25.03
CA PHE B 390 -37.38 26.29 25.25
C PHE B 390 -37.95 26.77 23.91
N TYR B 391 -39.15 27.31 23.96
CA TYR B 391 -39.80 27.81 22.76
C TYR B 391 -39.71 29.34 22.57
N GLU B 392 -39.92 29.75 21.37
CA GLU B 392 -40.33 31.11 21.10
C GLU B 392 -40.58 31.06 19.61
N SER B 393 -41.74 31.54 19.20
CA SER B 393 -41.98 31.65 17.77
C SER B 393 -42.34 33.11 17.45
N GLY B 394 -41.86 33.53 16.25
CA GLY B 394 -41.81 34.91 15.86
C GLY B 394 -43.18 35.49 15.55
N ILE B 395 -43.99 35.06 15.03
CA ILE B 395 -45.43 35.07 14.90
C ILE B 395 -45.55 34.35 13.58
N VAL B 396 -44.41 33.83 13.22
CA VAL B 396 -44.29 33.32 11.89
C VAL B 396 -43.72 31.89 11.84
N PHE B 397 -42.68 31.58 12.60
CA PHE B 397 -42.07 30.24 12.45
C PHE B 397 -41.63 29.72 13.80
N GLU B 398 -42.34 28.72 14.32
CA GLU B 398 -42.09 28.29 15.69
C GLU B 398 -40.65 27.89 15.84
N GLU B 399 -39.90 28.60 16.68
CA GLU B 399 -38.50 28.26 16.85
C GLU B 399 -38.15 27.65 18.22
N TYR B 400 -37.07 26.88 18.24
CA TYR B 400 -36.61 26.21 19.45
C TYR B 400 -35.20 26.67 19.87
N LYS B 401 -34.77 26.27 21.05
CA LYS B 401 -33.46 26.63 21.56
C LYS B 401 -33.21 25.90 22.88
N ASP B 402 -32.09 25.20 22.97
CA ASP B 402 -31.75 24.43 24.18
C ASP B 402 -30.86 25.20 25.13
N TYR B 403 -31.22 25.16 26.41
CA TYR B 403 -30.45 25.85 27.43
C TYR B 403 -30.06 25.02 28.64
N PHE B 404 -29.07 25.54 29.35
CA PHE B 404 -28.55 24.98 30.58
C PHE B 404 -29.70 25.44 31.49
N CYS B 405 -30.42 24.51 32.11
CA CYS B 405 -31.57 24.88 32.93
C CYS B 405 -31.72 24.15 34.26
N ILE B 406 -32.68 24.63 35.05
CA ILE B 406 -33.03 24.02 36.32
C ILE B 406 -34.46 23.55 36.09
N SER B 407 -34.78 22.33 36.53
CA SER B 407 -36.13 21.81 36.33
C SER B 407 -36.77 21.18 37.56
N LYS B 408 -38.02 21.57 37.79
CA LYS B 408 -38.81 21.04 38.90
C LYS B 408 -39.29 19.68 38.45
N TRP B 409 -39.52 19.57 37.14
CA TRP B 409 -39.99 18.34 36.50
C TRP B 409 -39.13 17.12 36.85
N TYR B 410 -37.80 17.27 36.76
CA TYR B 410 -36.89 16.18 37.07
C TYR B 410 -37.13 15.61 38.47
N LEU B 411 -37.48 16.48 39.42
CA LEU B 411 -37.71 16.10 40.81
C LEU B 411 -38.54 14.84 41.05
N LYS B 412 -39.63 14.66 40.31
CA LYS B 412 -40.45 13.47 40.48
C LYS B 412 -39.98 12.38 39.53
N GLU B 413 -39.36 12.80 38.43
CA GLU B 413 -38.86 11.87 37.43
C GLU B 413 -37.75 10.94 37.94
N VAL B 414 -36.86 11.46 38.78
CA VAL B 414 -35.76 10.65 39.31
C VAL B 414 -36.20 9.70 40.42
N LYS B 415 -37.50 9.70 40.73
CA LYS B 415 -38.04 8.82 41.77
C LYS B 415 -38.58 7.53 41.15
N ARG B 416 -38.87 7.60 39.85
CA ARG B 416 -39.40 6.45 39.13
C ARG B 416 -38.41 5.30 39.06
N LYS B 417 -38.93 4.09 39.05
CA LYS B 417 -38.09 2.89 38.99
C LYS B 417 -38.42 2.04 37.77
N PRO B 418 -37.38 1.56 37.07
CA PRO B 418 -35.98 1.79 37.41
C PRO B 418 -35.54 3.23 37.13
N TYR B 419 -34.38 3.62 37.67
CA TYR B 419 -33.89 4.97 37.46
C TYR B 419 -33.70 5.20 35.96
N ASN B 420 -34.27 6.30 35.46
CA ASN B 420 -34.17 6.63 34.05
C ASN B 420 -32.78 7.20 33.74
N LEU B 421 -32.01 6.45 32.94
CA LEU B 421 -30.65 6.85 32.57
C LEU B 421 -30.59 7.90 31.45
N LYS B 422 -31.73 8.14 30.79
CA LYS B 422 -31.78 9.10 29.70
C LYS B 422 -32.16 10.51 30.10
N LEU B 423 -32.28 10.75 31.41
CA LEU B 423 -32.64 12.07 31.90
C LEU B 423 -31.56 13.11 31.58
N GLY B 424 -31.99 14.32 31.28
CA GLY B 424 -31.05 15.38 30.97
C GLY B 424 -30.41 15.93 32.23
N CYS B 425 -30.73 15.32 33.38
CA CYS B 425 -30.17 15.77 34.63
C CYS B 425 -29.02 14.88 35.10
N ASN B 426 -28.59 13.98 34.22
CA ASN B 426 -27.46 13.09 34.53
C ASN B 426 -26.21 13.73 33.92
N TRP B 427 -25.26 14.10 34.77
CA TRP B 427 -24.04 14.74 34.30
C TRP B 427 -22.77 13.97 34.63
N GLN B 428 -21.75 14.18 33.79
CA GLN B 428 -20.46 13.56 33.98
C GLN B 428 -19.39 14.62 33.69
N PHE B 429 -18.32 14.62 34.47
CA PHE B 429 -17.25 15.61 34.30
C PHE B 429 -16.02 15.03 33.60
N ILE B 430 -15.60 15.70 32.52
CA ILE B 430 -14.46 15.26 31.73
C ILE B 430 -13.23 16.14 31.88
N PRO B 431 -12.17 15.61 32.51
CA PRO B 431 -10.91 16.35 32.70
C PRO B 431 -9.99 15.89 31.57
N LYS B 432 -9.00 16.71 31.20
CA LYS B 432 -8.09 16.29 30.14
C LYS B 432 -7.32 15.07 30.64
N ASP B 433 -7.10 14.10 29.76
CA ASP B 433 -6.43 12.86 30.13
C ASP B 433 -5.50 12.40 29.01
N GLU B 434 -4.27 12.03 29.36
CA GLU B 434 -3.32 11.59 28.35
C GLU B 434 -3.84 10.40 27.53
N GLY B 435 -4.89 9.75 28.03
CA GLY B 435 -5.46 8.61 27.33
C GLY B 435 -6.45 9.00 26.23
N TRP B 436 -6.77 10.27 26.12
CA TRP B 436 -7.71 10.73 25.10
C TRP B 436 -7.19 12.04 24.49
N THR B 437 -6.81 11.98 23.22
CA THR B 437 -6.29 13.13 22.49
C THR B 437 -7.18 13.37 21.29
N GLU B 438 -7.50 14.63 21.05
CA GLU B 438 -8.35 15.01 19.94
C GLU B 438 -7.88 16.36 19.43
#